data_8Y64
#
_entry.id   8Y64
#
_cell.length_a   81.778
_cell.length_b   81.830
_cell.length_c   166.321
_cell.angle_alpha   90.000
_cell.angle_beta   90.000
_cell.angle_gamma   90.000
#
_symmetry.space_group_name_H-M   'P 21 21 21'
#
loop_
_entity.id
_entity.type
_entity.pdbx_description
1 polymer 'Ferulic acid decarboxylase 1'
2 non-polymer GLYCEROL
3 non-polymer DI(HYDROXYETHYL)ETHER
4 water water
#
_entity_poly.entity_id   1
_entity_poly.type   'polypeptide(L)'
_entity_poly.pdbx_seq_one_letter_code
;MRKLNPALEFRDFIQVLKDEDDLIEITEEIDPNLEVGAIMRKAYESHLPAPLFKNLKGASKDLFSILGCPAGLRSKEKGD
HGRIAHHLGLDPKTTIKEIIDYLLECKEKEPLPPITVPVSSAPCKTHILSEEKIHLQSLPTPYLHVSDGGKYLQTYGMWI
LQTPDKKWTNWSIARGMVVDDKHITGLVIKPQHIRQIADSWAAIGKANEIPFALCFGVPPAAILVSSMPIPEGVSESDYV
GAILGESVPVVKCETNDLMVPATSEMVFEGTLSLTDTHLEGPFGEMHGYVFKSQGHPCPLYTVKAMSYRDNAILPVSNPG
LCTDETHTLIGSLVATEAKELAIESGLPILDAFMPYEAQALWLILKVDLKGLQALKTTPEEFCKKVGDIYFRTKVGVLVH
EIILVADDIDIFNFKEVIWAYVTRHTPVADQMAFDDVPSFVLAPFVSQSSRSKTMKGGKCVTNCIFRQQYERSFDYITCN
FEKGYPKGLVDKVNENWKRYGYK
;
_entity_poly.pdbx_strand_id   A,B
#
# COMPACT_ATOMS: atom_id res chain seq x y z
N MET A 1 6.17 -19.51 -38.07
CA MET A 1 5.65 -18.25 -38.62
C MET A 1 4.13 -18.22 -38.68
N ARG A 2 3.47 -19.18 -38.05
CA ARG A 2 2.01 -19.24 -38.07
C ARG A 2 1.40 -18.03 -37.35
N LYS A 3 0.14 -17.76 -37.64
CA LYS A 3 -0.60 -16.78 -36.87
C LYS A 3 -0.87 -17.37 -35.49
N LEU A 4 -0.32 -16.75 -34.45
CA LEU A 4 -0.46 -17.25 -33.09
C LEU A 4 -1.83 -16.90 -32.52
N ASN A 5 -2.44 -17.83 -31.79
CA ASN A 5 -3.72 -17.54 -31.16
C ASN A 5 -3.59 -17.98 -29.71
N PRO A 6 -3.10 -17.10 -28.84
CA PRO A 6 -2.74 -17.54 -27.48
C PRO A 6 -3.92 -17.81 -26.58
N ALA A 7 -5.12 -17.29 -26.88
CA ALA A 7 -6.28 -17.62 -26.08
C ALA A 7 -6.76 -19.04 -26.34
N LEU A 8 -6.51 -19.53 -27.56
CA LEU A 8 -6.96 -20.84 -28.03
C LEU A 8 -5.95 -21.94 -27.74
N GLU A 9 -4.66 -21.64 -27.86
CA GLU A 9 -3.63 -22.68 -27.84
C GLU A 9 -2.60 -22.34 -26.76
N PHE A 10 -2.49 -23.24 -25.78
CA PHE A 10 -1.50 -23.08 -24.71
C PHE A 10 -0.09 -22.93 -25.27
N ARG A 11 0.23 -23.65 -26.37
CA ARG A 11 1.58 -23.53 -26.91
C ARG A 11 1.79 -22.22 -27.67
N ASP A 12 0.74 -21.66 -28.27
CA ASP A 12 0.85 -20.30 -28.81
C ASP A 12 1.04 -19.28 -27.69
N PHE A 13 0.42 -19.54 -26.54
CA PHE A 13 0.60 -18.67 -25.37
C PHE A 13 2.07 -18.67 -24.93
N ILE A 14 2.69 -19.85 -24.89
CA ILE A 14 4.11 -19.91 -24.56
C ILE A 14 4.93 -19.17 -25.61
N GLN A 15 4.58 -19.33 -26.89
CA GLN A 15 5.34 -18.68 -27.95
C GLN A 15 5.24 -17.16 -27.86
N VAL A 16 4.04 -16.61 -27.62
CA VAL A 16 3.98 -15.16 -27.56
C VAL A 16 4.78 -14.63 -26.38
N LEU A 17 4.85 -15.37 -25.27
CA LEU A 17 5.69 -14.91 -24.14
C LEU A 17 7.16 -14.94 -24.54
N LYS A 18 7.57 -15.96 -25.29
CA LYS A 18 8.91 -16.01 -25.86
C LYS A 18 9.19 -14.79 -26.73
N ASP A 19 8.25 -14.47 -27.64
CA ASP A 19 8.44 -13.35 -28.55
C ASP A 19 8.51 -12.02 -27.81
N GLU A 20 7.93 -11.94 -26.63
CA GLU A 20 7.91 -10.71 -25.85
C GLU A 20 8.98 -10.71 -24.77
N ASP A 21 9.95 -11.63 -24.87
CA ASP A 21 11.05 -11.76 -23.92
C ASP A 21 10.54 -11.89 -22.48
N ASP A 22 9.46 -12.68 -22.32
CA ASP A 22 8.76 -12.80 -21.06
C ASP A 22 8.77 -14.25 -20.55
N LEU A 23 9.75 -15.04 -20.97
CA LEU A 23 9.80 -16.45 -20.64
C LEU A 23 11.25 -16.89 -20.63
N ILE A 24 11.69 -17.48 -19.51
CA ILE A 24 13.04 -18.02 -19.35
C ILE A 24 12.95 -19.53 -19.45
N GLU A 25 13.61 -20.09 -20.46
CA GLU A 25 13.73 -21.55 -20.56
C GLU A 25 14.91 -21.96 -19.69
N ILE A 26 14.61 -22.55 -18.54
CA ILE A 26 15.63 -22.99 -17.59
C ILE A 26 16.01 -24.42 -17.94
N THR A 27 17.25 -24.62 -18.39
CA THR A 27 17.72 -25.94 -18.78
C THR A 27 18.58 -26.59 -17.71
N GLU A 28 19.07 -25.82 -16.75
CA GLU A 28 19.66 -26.42 -15.56
C GLU A 28 18.66 -27.36 -14.90
N GLU A 29 19.19 -28.36 -14.19
CA GLU A 29 18.33 -29.23 -13.41
C GLU A 29 17.76 -28.46 -12.22
N ILE A 30 16.43 -28.50 -12.10
CA ILE A 30 15.72 -27.88 -10.99
C ILE A 30 14.97 -28.97 -10.24
N ASP A 31 14.99 -28.89 -8.91
CA ASP A 31 14.30 -29.86 -8.07
C ASP A 31 12.83 -29.46 -7.93
N PRO A 32 11.89 -30.37 -8.23
CA PRO A 32 10.47 -30.07 -7.95
C PRO A 32 10.20 -29.84 -6.48
N ASN A 33 11.04 -30.38 -5.59
CA ASN A 33 10.90 -30.18 -4.15
C ASN A 33 11.40 -28.78 -3.78
N LEU A 34 10.46 -27.84 -3.58
CA LEU A 34 10.70 -26.46 -3.13
C LEU A 34 11.39 -25.53 -4.14
N GLU A 35 12.36 -26.02 -4.91
CA GLU A 35 13.13 -25.15 -5.82
C GLU A 35 12.25 -24.47 -6.87
N VAL A 36 11.35 -25.24 -7.50
CA VAL A 36 10.40 -24.67 -8.45
C VAL A 36 9.60 -23.54 -7.80
N GLY A 37 9.02 -23.83 -6.63
CA GLY A 37 8.15 -22.84 -6.00
C GLY A 37 8.89 -21.58 -5.60
N ALA A 38 10.13 -21.73 -5.13
CA ALA A 38 10.90 -20.58 -4.69
C ALA A 38 11.31 -19.71 -5.86
N ILE A 39 11.68 -20.34 -6.98
CA ILE A 39 11.99 -19.60 -8.20
C ILE A 39 10.77 -18.86 -8.69
N MET A 40 9.60 -19.51 -8.68
CA MET A 40 8.43 -18.76 -9.10
C MET A 40 8.10 -17.62 -8.15
N ARG A 41 8.28 -17.82 -6.84
CA ARG A 41 8.00 -16.73 -5.92
C ARG A 41 8.93 -15.55 -6.19
N LYS A 42 10.23 -15.81 -6.39
CA LYS A 42 11.14 -14.72 -6.74
C LYS A 42 10.63 -13.98 -7.98
N ALA A 43 10.16 -14.73 -8.99
CA ALA A 43 9.74 -14.13 -10.24
C ALA A 43 8.45 -13.32 -10.07
N TYR A 44 7.44 -13.90 -9.41
CA TYR A 44 6.21 -13.17 -9.15
C TYR A 44 6.51 -11.82 -8.52
N GLU A 45 7.31 -11.85 -7.45
CA GLU A 45 7.39 -10.72 -6.54
C GLU A 45 8.19 -9.57 -7.11
N SER A 46 9.04 -9.80 -8.10
CA SER A 46 9.72 -8.73 -8.82
C SER A 46 9.16 -8.50 -10.21
N HIS A 47 7.99 -9.08 -10.52
CA HIS A 47 7.36 -8.94 -11.83
C HIS A 47 8.32 -9.30 -12.96
N LEU A 48 8.95 -10.48 -12.83
CA LEU A 48 9.98 -10.99 -13.72
C LEU A 48 9.40 -11.98 -14.71
N PRO A 49 10.13 -12.30 -15.79
CA PRO A 49 9.62 -13.27 -16.78
C PRO A 49 9.24 -14.61 -16.17
N ALA A 50 8.29 -15.29 -16.84
CA ALA A 50 7.79 -16.56 -16.34
C ALA A 50 8.83 -17.66 -16.55
N PRO A 51 9.08 -18.50 -15.56
CA PRO A 51 10.06 -19.58 -15.76
C PRO A 51 9.41 -20.79 -16.41
N LEU A 52 10.10 -21.36 -17.38
CA LEU A 52 9.71 -22.63 -17.99
C LEU A 52 10.80 -23.64 -17.64
N PHE A 53 10.49 -24.56 -16.72
CA PHE A 53 11.46 -25.52 -16.24
C PHE A 53 11.50 -26.70 -17.23
N LYS A 54 12.53 -26.74 -18.08
CA LYS A 54 12.67 -27.84 -19.05
C LYS A 54 13.46 -29.03 -18.52
N ASN A 55 14.04 -28.97 -17.32
CA ASN A 55 14.89 -30.04 -16.83
C ASN A 55 14.64 -30.23 -15.33
N LEU A 56 13.50 -30.85 -14.98
CA LEU A 56 13.16 -31.12 -13.59
C LEU A 56 13.76 -32.43 -13.15
N LYS A 57 14.36 -32.46 -11.96
CA LYS A 57 14.84 -33.70 -11.39
C LYS A 57 13.71 -34.73 -11.35
N GLY A 58 13.94 -35.88 -11.99
CA GLY A 58 13.00 -36.97 -11.99
C GLY A 58 12.03 -37.00 -13.15
N ALA A 59 12.12 -36.05 -14.08
CA ALA A 59 11.19 -36.02 -15.21
C ALA A 59 11.62 -37.02 -16.28
N SER A 60 10.62 -37.56 -16.99
CA SER A 60 10.88 -38.30 -18.22
C SER A 60 10.90 -37.33 -19.39
N LYS A 61 11.20 -37.85 -20.59
CA LYS A 61 11.22 -37.01 -21.78
C LYS A 61 9.90 -36.26 -21.94
N ASP A 62 8.78 -36.93 -21.71
CA ASP A 62 7.48 -36.32 -21.97
C ASP A 62 6.78 -35.80 -20.72
N LEU A 63 7.12 -36.29 -19.52
CA LEU A 63 6.41 -35.94 -18.29
C LEU A 63 7.38 -35.48 -17.21
N PHE A 64 7.51 -34.16 -17.02
CA PHE A 64 6.97 -33.06 -17.81
C PHE A 64 7.85 -31.84 -17.53
N SER A 65 7.66 -30.80 -18.33
CA SER A 65 8.16 -29.48 -18.02
C SER A 65 7.14 -28.77 -17.14
N ILE A 66 7.54 -27.66 -16.53
CA ILE A 66 6.62 -26.84 -15.74
C ILE A 66 6.70 -25.40 -16.23
N LEU A 67 5.55 -24.80 -16.56
CA LEU A 67 5.46 -23.37 -16.80
C LEU A 67 4.95 -22.71 -15.53
N GLY A 68 5.79 -21.93 -14.87
CA GLY A 68 5.35 -21.20 -13.69
C GLY A 68 4.86 -19.79 -14.02
N CYS A 69 4.05 -19.23 -13.11
CA CYS A 69 3.57 -17.85 -13.21
C CYS A 69 2.80 -17.51 -14.50
N PRO A 70 1.82 -18.33 -14.91
CA PRO A 70 1.15 -18.05 -16.20
C PRO A 70 0.37 -16.76 -16.24
N ALA A 71 -0.05 -16.20 -15.11
CA ALA A 71 -0.70 -14.90 -15.11
C ALA A 71 -0.10 -14.00 -14.04
N GLY A 72 1.22 -14.12 -13.81
CA GLY A 72 1.93 -13.12 -13.04
C GLY A 72 2.08 -11.83 -13.83
N LEU A 73 2.48 -10.77 -13.12
CA LEU A 73 2.69 -9.45 -13.71
C LEU A 73 4.11 -9.32 -14.25
N ARG A 74 4.31 -8.35 -15.14
CA ARG A 74 5.63 -8.12 -15.72
C ARG A 74 5.88 -6.62 -15.85
N SER A 75 7.04 -6.28 -16.40
CA SER A 75 7.44 -4.89 -16.54
C SER A 75 6.41 -4.09 -17.35
N LYS A 76 6.25 -2.83 -16.97
CA LYS A 76 5.21 -1.97 -17.55
C LYS A 76 5.43 -1.69 -19.03
N GLU A 77 6.68 -1.63 -19.47
CA GLU A 77 6.94 -1.29 -20.88
C GLU A 77 6.39 -2.36 -21.83
N LYS A 78 6.46 -3.63 -21.44
CA LYS A 78 5.88 -4.72 -22.22
C LYS A 78 4.36 -4.79 -22.13
N GLY A 79 3.76 -4.05 -21.21
CA GLY A 79 2.38 -4.28 -20.82
C GLY A 79 2.34 -5.16 -19.58
N ASP A 80 2.09 -4.56 -18.41
CA ASP A 80 2.32 -5.30 -17.17
C ASP A 80 1.30 -6.41 -16.98
N HIS A 81 0.11 -6.30 -17.58
CA HIS A 81 -0.90 -7.36 -17.57
C HIS A 81 -0.90 -8.21 -18.83
N GLY A 82 0.23 -8.26 -19.55
CA GLY A 82 0.27 -8.94 -20.83
C GLY A 82 -0.13 -10.40 -20.76
N ARG A 83 0.32 -11.10 -19.71
CA ARG A 83 -0.03 -12.53 -19.60
C ARG A 83 -1.53 -12.72 -19.45
N ILE A 84 -2.20 -11.84 -18.72
CA ILE A 84 -3.66 -11.94 -18.60
C ILE A 84 -4.32 -11.62 -19.93
N ALA A 85 -3.86 -10.54 -20.59
CA ALA A 85 -4.39 -10.19 -21.91
C ALA A 85 -4.25 -11.35 -22.88
N HIS A 86 -3.14 -12.08 -22.82
CA HIS A 86 -2.95 -13.16 -23.77
C HIS A 86 -3.93 -14.30 -23.55
N HIS A 87 -4.44 -14.50 -22.32
CA HIS A 87 -5.46 -15.53 -22.12
C HIS A 87 -6.75 -15.20 -22.87
N LEU A 88 -6.92 -13.94 -23.27
CA LEU A 88 -8.11 -13.49 -23.97
C LEU A 88 -7.84 -13.12 -25.42
N GLY A 89 -6.59 -13.31 -25.88
CA GLY A 89 -6.25 -12.92 -27.23
C GLY A 89 -6.11 -11.42 -27.46
N LEU A 90 -6.00 -10.62 -26.40
CA LEU A 90 -5.94 -9.17 -26.52
C LEU A 90 -4.50 -8.69 -26.66
N ASP A 91 -4.36 -7.43 -27.07
CA ASP A 91 -3.02 -6.88 -27.22
C ASP A 91 -2.27 -6.94 -25.89
N PRO A 92 -0.98 -7.24 -25.89
CA PRO A 92 -0.25 -7.37 -24.62
C PRO A 92 -0.25 -6.10 -23.78
N LYS A 93 -0.50 -4.93 -24.36
CA LYS A 93 -0.46 -3.69 -23.60
C LYS A 93 -1.83 -3.26 -23.12
N THR A 94 -2.84 -4.12 -23.31
CA THR A 94 -4.17 -3.81 -22.83
C THR A 94 -4.16 -3.61 -21.32
N THR A 95 -4.89 -2.60 -20.85
CA THR A 95 -4.95 -2.33 -19.42
C THR A 95 -5.89 -3.31 -18.73
N ILE A 96 -5.78 -3.38 -17.40
CA ILE A 96 -6.69 -4.27 -16.68
C ILE A 96 -8.13 -3.77 -16.79
N LYS A 97 -8.35 -2.46 -16.86
CA LYS A 97 -9.72 -1.99 -17.06
C LYS A 97 -10.25 -2.43 -18.43
N GLU A 98 -9.41 -2.37 -19.45
CA GLU A 98 -9.83 -2.80 -20.78
C GLU A 98 -10.07 -4.32 -20.81
N ILE A 99 -9.27 -5.07 -20.06
CA ILE A 99 -9.48 -6.52 -19.97
C ILE A 99 -10.83 -6.83 -19.36
N ILE A 100 -11.15 -6.18 -18.24
CA ILE A 100 -12.44 -6.39 -17.59
C ILE A 100 -13.58 -6.01 -18.53
N ASP A 101 -13.48 -4.84 -19.18
CA ASP A 101 -14.56 -4.39 -20.05
C ASP A 101 -14.73 -5.33 -21.24
N TYR A 102 -13.64 -5.89 -21.76
CA TYR A 102 -13.76 -6.86 -22.85
C TYR A 102 -14.52 -8.10 -22.39
N LEU A 103 -14.24 -8.58 -21.16
CA LEU A 103 -14.95 -9.75 -20.65
C LEU A 103 -16.45 -9.47 -20.57
N LEU A 104 -16.82 -8.27 -20.15
CA LEU A 104 -18.23 -7.89 -20.09
C LEU A 104 -18.83 -7.83 -21.49
N GLU A 105 -18.07 -7.29 -22.45
CA GLU A 105 -18.54 -7.24 -23.84
C GLU A 105 -18.80 -8.64 -24.39
N CYS A 106 -17.94 -9.60 -24.00
CA CYS A 106 -18.08 -10.97 -24.50
C CYS A 106 -19.33 -11.64 -23.97
N LYS A 107 -19.92 -11.15 -22.88
CA LYS A 107 -21.19 -11.68 -22.44
C LYS A 107 -22.30 -11.40 -23.45
N GLU A 108 -22.08 -10.50 -24.40
CA GLU A 108 -23.07 -10.17 -25.40
C GLU A 108 -22.80 -10.86 -26.73
N LYS A 109 -21.67 -11.55 -26.87
CA LYS A 109 -21.32 -12.21 -28.12
C LYS A 109 -22.06 -13.54 -28.22
N GLU A 110 -22.06 -14.10 -29.42
CA GLU A 110 -22.68 -15.40 -29.63
C GLU A 110 -21.98 -16.49 -28.83
N PRO A 111 -22.67 -17.19 -27.93
CA PRO A 111 -22.06 -18.35 -27.29
C PRO A 111 -21.98 -19.52 -28.26
N LEU A 112 -20.90 -20.29 -28.15
CA LEU A 112 -20.61 -21.34 -29.13
C LEU A 112 -20.27 -22.61 -28.37
N PRO A 113 -21.02 -23.70 -28.56
CA PRO A 113 -20.72 -24.94 -27.83
C PRO A 113 -19.49 -25.62 -28.41
N PRO A 114 -18.85 -26.52 -27.65
CA PRO A 114 -17.64 -27.20 -28.15
C PRO A 114 -17.92 -28.05 -29.39
N ILE A 115 -16.90 -28.15 -30.25
CA ILE A 115 -16.92 -28.97 -31.46
C ILE A 115 -15.98 -30.15 -31.27
N THR A 116 -16.43 -31.34 -31.66
CA THR A 116 -15.59 -32.53 -31.64
C THR A 116 -14.68 -32.55 -32.86
N VAL A 117 -13.40 -32.82 -32.65
CA VAL A 117 -12.45 -32.93 -33.75
C VAL A 117 -11.96 -34.37 -33.84
N PRO A 118 -11.37 -34.80 -34.97
CA PRO A 118 -10.86 -36.16 -35.04
C PRO A 118 -9.71 -36.35 -34.06
N VAL A 119 -9.64 -37.54 -33.45
CA VAL A 119 -8.59 -37.78 -32.45
C VAL A 119 -7.23 -37.62 -33.09
N SER A 120 -7.09 -37.93 -34.38
CA SER A 120 -5.86 -37.67 -35.10
C SER A 120 -5.52 -36.18 -35.15
N SER A 121 -6.47 -35.28 -34.91
CA SER A 121 -6.21 -33.85 -34.80
C SER A 121 -6.02 -33.39 -33.35
N ALA A 122 -6.00 -34.31 -32.39
CA ALA A 122 -6.00 -33.94 -30.98
C ALA A 122 -4.64 -34.23 -30.38
N PRO A 123 -3.78 -33.23 -30.22
CA PRO A 123 -2.47 -33.49 -29.60
C PRO A 123 -2.53 -34.21 -28.26
N CYS A 124 -3.55 -33.95 -27.44
CA CYS A 124 -3.63 -34.60 -26.14
C CYS A 124 -3.76 -36.12 -26.23
N LYS A 125 -3.99 -36.67 -27.42
CA LYS A 125 -4.10 -38.11 -27.61
C LYS A 125 -2.81 -38.72 -28.16
N THR A 126 -1.70 -37.97 -28.17
CA THR A 126 -0.47 -38.50 -28.75
C THR A 126 0.00 -39.76 -28.02
N HIS A 127 0.00 -39.72 -26.70
CA HIS A 127 0.33 -40.85 -25.84
C HIS A 127 -0.88 -41.16 -24.98
N ILE A 128 -1.16 -42.45 -24.79
CA ILE A 128 -2.30 -42.90 -24.00
C ILE A 128 -1.82 -43.99 -23.04
N LEU A 129 -2.17 -43.86 -21.77
CA LEU A 129 -1.81 -44.82 -20.75
C LEU A 129 -3.07 -45.47 -20.20
N SER A 130 -3.02 -46.78 -20.05
CA SER A 130 -4.07 -47.54 -19.36
C SER A 130 -3.77 -47.60 -17.87
N GLU A 131 -4.72 -48.17 -17.11
CA GLU A 131 -4.66 -48.09 -15.65
C GLU A 131 -3.33 -48.60 -15.10
N GLU A 132 -2.83 -49.72 -15.61
CA GLU A 132 -1.66 -50.33 -14.99
C GLU A 132 -0.42 -49.48 -15.19
N LYS A 133 -0.45 -48.53 -16.12
CA LYS A 133 0.68 -47.63 -16.36
C LYS A 133 0.54 -46.29 -15.63
N ILE A 134 -0.52 -46.10 -14.85
CA ILE A 134 -0.70 -44.88 -14.06
C ILE A 134 0.22 -44.95 -12.84
N HIS A 135 1.20 -44.02 -12.75
CA HIS A 135 2.13 -43.97 -11.62
C HIS A 135 2.32 -42.50 -11.23
N LEU A 136 1.38 -41.99 -10.42
CA LEU A 136 1.43 -40.57 -10.06
C LEU A 136 2.71 -40.22 -9.31
N GLN A 137 3.22 -41.13 -8.48
CA GLN A 137 4.39 -40.78 -7.68
C GLN A 137 5.66 -40.72 -8.50
N SER A 138 5.67 -41.24 -9.73
CA SER A 138 6.83 -41.07 -10.60
C SER A 138 6.83 -39.76 -11.37
N LEU A 139 5.77 -38.96 -11.28
CA LEU A 139 5.76 -37.65 -11.93
C LEU A 139 6.59 -36.65 -11.13
N PRO A 140 7.25 -35.69 -11.80
CA PRO A 140 7.97 -34.61 -11.10
C PRO A 140 7.05 -33.53 -10.53
N THR A 141 6.05 -33.94 -9.77
CA THR A 141 5.07 -33.01 -9.21
C THR A 141 5.75 -32.06 -8.22
N PRO A 142 5.47 -30.76 -8.28
CA PRO A 142 6.15 -29.83 -7.38
C PRO A 142 5.62 -29.92 -5.95
N TYR A 143 6.55 -29.77 -4.99
CA TYR A 143 6.22 -29.48 -3.60
C TYR A 143 6.47 -27.98 -3.44
N LEU A 144 5.38 -27.21 -3.36
CA LEU A 144 5.46 -25.78 -3.67
C LEU A 144 5.80 -24.88 -2.47
N HIS A 145 5.24 -25.15 -1.29
CA HIS A 145 5.51 -24.36 -0.10
C HIS A 145 5.98 -25.27 1.02
N VAL A 146 6.88 -24.75 1.87
CA VAL A 146 7.18 -25.45 3.12
C VAL A 146 5.89 -25.69 3.89
N SER A 147 5.75 -26.90 4.45
CA SER A 147 4.61 -27.37 5.23
C SER A 147 3.34 -27.61 4.43
N ASP A 148 3.38 -27.55 3.10
CA ASP A 148 2.25 -28.03 2.33
C ASP A 148 1.96 -29.48 2.71
N GLY A 149 0.69 -29.87 2.66
CA GLY A 149 0.32 -31.24 3.03
C GLY A 149 0.78 -32.30 2.04
N GLY A 150 1.15 -31.90 0.84
CA GLY A 150 1.60 -32.85 -0.17
C GLY A 150 2.04 -32.11 -1.41
N LYS A 151 2.27 -32.86 -2.48
CA LYS A 151 2.69 -32.30 -3.76
C LYS A 151 1.45 -31.92 -4.54
N TYR A 152 1.32 -30.64 -4.87
CA TYR A 152 0.08 -30.18 -5.50
C TYR A 152 0.26 -30.20 -7.00
N LEU A 153 -0.21 -31.29 -7.62
CA LEU A 153 -0.21 -31.42 -9.06
C LEU A 153 -1.18 -30.42 -9.70
N GLN A 154 -2.30 -30.17 -9.06
CA GLN A 154 -3.37 -29.38 -9.65
C GLN A 154 -3.42 -28.00 -8.99
N THR A 155 -2.79 -27.01 -9.64
CA THR A 155 -2.94 -25.61 -9.29
C THR A 155 -3.39 -24.74 -10.45
N TYR A 156 -3.29 -25.23 -11.69
CA TYR A 156 -3.65 -24.42 -12.85
C TYR A 156 -4.23 -25.27 -13.95
N GLY A 157 -4.83 -26.41 -13.59
CA GLY A 157 -5.57 -27.24 -14.52
C GLY A 157 -7.06 -27.08 -14.27
N MET A 158 -7.83 -27.82 -15.08
CA MET A 158 -9.26 -27.67 -15.14
C MET A 158 -9.93 -29.01 -14.90
N TRP A 159 -10.75 -29.09 -13.85
CA TRP A 159 -11.58 -30.26 -13.58
C TRP A 159 -12.79 -30.25 -14.49
N ILE A 160 -13.16 -31.43 -15.02
CA ILE A 160 -14.38 -31.57 -15.80
C ILE A 160 -15.30 -32.59 -15.15
N LEU A 161 -16.55 -32.18 -14.90
CA LEU A 161 -17.58 -33.03 -14.31
C LEU A 161 -18.88 -32.81 -15.09
N GLN A 162 -19.69 -33.87 -15.18
CA GLN A 162 -20.92 -33.84 -15.97
C GLN A 162 -21.97 -34.74 -15.34
N THR A 163 -23.24 -34.34 -15.45
CA THR A 163 -24.31 -35.20 -14.99
C THR A 163 -24.44 -36.40 -15.92
N PRO A 164 -25.05 -37.50 -15.47
CA PRO A 164 -25.34 -38.61 -16.40
C PRO A 164 -26.25 -38.15 -17.54
N ASP A 165 -27.18 -37.24 -17.25
CA ASP A 165 -27.93 -36.43 -18.22
C ASP A 165 -27.14 -35.99 -19.44
N LYS A 166 -25.90 -35.55 -19.19
CA LYS A 166 -25.09 -34.70 -20.07
C LYS A 166 -25.66 -33.29 -20.16
N LYS A 167 -26.70 -32.98 -19.38
CA LYS A 167 -27.35 -31.68 -19.50
C LYS A 167 -26.48 -30.59 -18.87
N TRP A 168 -25.73 -30.92 -17.82
CA TRP A 168 -24.92 -29.93 -17.12
C TRP A 168 -23.46 -30.38 -17.11
N THR A 169 -22.58 -29.53 -17.63
CA THR A 169 -21.14 -29.77 -17.68
C THR A 169 -20.44 -28.62 -16.95
N ASN A 170 -19.52 -28.96 -16.04
CA ASN A 170 -18.86 -27.97 -15.21
C ASN A 170 -17.34 -28.04 -15.39
N TRP A 171 -16.73 -26.89 -15.65
CA TRP A 171 -15.29 -26.71 -15.71
C TRP A 171 -14.86 -25.87 -14.51
N SER A 172 -13.97 -26.39 -13.66
CA SER A 172 -13.61 -25.67 -12.44
C SER A 172 -12.12 -25.85 -12.13
N ILE A 173 -11.65 -25.22 -11.05
CA ILE A 173 -10.21 -25.11 -10.80
C ILE A 173 -9.76 -25.38 -9.36
N ALA A 174 -10.46 -26.22 -8.62
CA ALA A 174 -10.08 -26.47 -7.23
C ALA A 174 -8.70 -27.11 -7.12
N ARG A 175 -7.98 -26.78 -6.04
CA ARG A 175 -6.64 -27.33 -5.88
C ARG A 175 -6.69 -28.84 -5.65
N GLY A 176 -5.61 -29.52 -6.03
CA GLY A 176 -5.53 -30.97 -5.95
C GLY A 176 -4.14 -31.46 -5.62
N MET A 177 -3.99 -32.26 -4.58
CA MET A 177 -2.67 -32.81 -4.24
C MET A 177 -2.63 -34.31 -4.44
N VAL A 178 -1.42 -34.81 -4.74
CA VAL A 178 -1.23 -36.23 -4.95
C VAL A 178 -1.24 -36.93 -3.60
N VAL A 179 -2.01 -38.01 -3.51
CA VAL A 179 -2.11 -38.82 -2.29
C VAL A 179 -1.19 -40.02 -2.35
N ASP A 180 -1.24 -40.77 -3.44
CA ASP A 180 -0.34 -41.91 -3.62
C ASP A 180 -0.20 -42.17 -5.12
N ASP A 181 0.24 -43.39 -5.49
CA ASP A 181 0.52 -43.69 -6.89
C ASP A 181 -0.71 -43.64 -7.78
N LYS A 182 -1.91 -43.69 -7.22
CA LYS A 182 -3.10 -43.83 -8.03
C LYS A 182 -4.19 -42.82 -7.68
N HIS A 183 -3.97 -41.95 -6.68
CA HIS A 183 -5.05 -41.13 -6.15
C HIS A 183 -4.63 -39.68 -5.96
N ILE A 184 -5.63 -38.81 -6.11
CA ILE A 184 -5.53 -37.37 -5.90
C ILE A 184 -6.67 -37.02 -4.96
N THR A 185 -6.50 -35.94 -4.18
CA THR A 185 -7.58 -35.40 -3.38
C THR A 185 -7.57 -33.88 -3.47
N GLY A 186 -8.76 -33.30 -3.43
CA GLY A 186 -8.89 -31.86 -3.55
C GLY A 186 -10.29 -31.42 -3.23
N LEU A 187 -10.50 -30.11 -3.33
CA LEU A 187 -11.76 -29.45 -2.97
C LEU A 187 -12.68 -29.23 -4.17
N VAL A 188 -12.81 -30.23 -5.06
CA VAL A 188 -13.51 -29.99 -6.32
C VAL A 188 -15.02 -29.86 -6.10
N ILE A 189 -15.58 -30.59 -5.14
CA ILE A 189 -17.02 -30.67 -4.97
C ILE A 189 -17.50 -29.88 -3.75
N LYS A 190 -16.64 -29.04 -3.16
CA LYS A 190 -17.10 -28.16 -2.09
C LYS A 190 -18.20 -27.21 -2.51
N PRO A 191 -18.09 -26.46 -3.63
CA PRO A 191 -19.22 -25.61 -4.01
C PRO A 191 -20.44 -26.45 -4.33
N GLN A 192 -21.62 -25.91 -3.98
CA GLN A 192 -22.83 -26.70 -3.95
C GLN A 192 -23.21 -27.16 -5.36
N HIS A 193 -22.97 -26.32 -6.37
CA HIS A 193 -23.34 -26.68 -7.73
C HIS A 193 -22.55 -27.89 -8.22
N ILE A 194 -21.28 -27.99 -7.83
CA ILE A 194 -20.52 -29.17 -8.23
C ILE A 194 -20.88 -30.39 -7.38
N ARG A 195 -21.26 -30.21 -6.11
CA ARG A 195 -21.70 -31.37 -5.34
C ARG A 195 -22.98 -31.96 -5.91
N GLN A 196 -23.88 -31.13 -6.46
CA GLN A 196 -25.11 -31.65 -7.06
C GLN A 196 -24.82 -32.56 -8.23
N ILE A 197 -23.85 -32.18 -9.08
CA ILE A 197 -23.41 -33.09 -10.13
C ILE A 197 -23.06 -34.44 -9.53
N ALA A 198 -22.24 -34.42 -8.47
CA ALA A 198 -21.84 -35.65 -7.80
C ALA A 198 -23.05 -36.42 -7.30
N ASP A 199 -24.00 -35.72 -6.67
CA ASP A 199 -25.20 -36.36 -6.14
C ASP A 199 -25.99 -37.06 -7.23
N SER A 200 -26.03 -36.49 -8.44
CA SER A 200 -26.81 -37.10 -9.53
C SER A 200 -26.24 -38.45 -9.95
N TRP A 201 -24.95 -38.68 -9.74
CA TRP A 201 -24.41 -40.02 -9.97
C TRP A 201 -24.72 -40.97 -8.82
N ALA A 202 -24.76 -40.45 -7.59
CA ALA A 202 -25.18 -41.28 -6.46
C ALA A 202 -26.61 -41.78 -6.66
N ALA A 203 -27.49 -40.93 -7.19
CA ALA A 203 -28.88 -41.31 -7.42
C ALA A 203 -29.02 -42.48 -8.37
N ILE A 204 -28.00 -42.76 -9.18
CA ILE A 204 -27.97 -43.93 -10.06
C ILE A 204 -27.15 -45.07 -9.44
N GLY A 205 -26.61 -44.87 -8.25
CA GLY A 205 -25.83 -45.89 -7.57
C GLY A 205 -24.35 -45.87 -7.89
N LYS A 206 -23.83 -44.79 -8.45
CA LYS A 206 -22.43 -44.65 -8.78
C LYS A 206 -21.73 -43.66 -7.86
N ALA A 207 -22.24 -43.54 -6.61
CA ALA A 207 -21.72 -42.55 -5.67
C ALA A 207 -20.22 -42.70 -5.46
N ASN A 208 -19.67 -43.89 -5.68
CA ASN A 208 -18.26 -44.16 -5.55
C ASN A 208 -17.55 -44.19 -6.90
N GLU A 209 -18.25 -43.84 -7.98
CA GLU A 209 -17.70 -43.97 -9.33
C GLU A 209 -18.17 -42.81 -10.22
N ILE A 210 -18.06 -41.59 -9.71
CA ILE A 210 -18.39 -40.39 -10.49
C ILE A 210 -17.25 -40.10 -11.46
N PRO A 211 -17.49 -40.11 -12.77
CA PRO A 211 -16.40 -39.88 -13.71
C PRO A 211 -15.91 -38.44 -13.64
N PHE A 212 -14.59 -38.27 -13.78
CA PHE A 212 -13.99 -36.95 -13.89
C PHE A 212 -12.88 -37.00 -14.94
N ALA A 213 -12.56 -35.83 -15.46
CA ALA A 213 -11.32 -35.59 -16.16
C ALA A 213 -10.65 -34.37 -15.54
N LEU A 214 -9.33 -34.37 -15.56
CA LEU A 214 -8.50 -33.26 -15.09
C LEU A 214 -7.51 -32.95 -16.19
N CYS A 215 -7.54 -31.72 -16.70
CA CYS A 215 -6.81 -31.35 -17.91
C CYS A 215 -5.86 -30.19 -17.63
N PHE A 216 -4.63 -30.33 -18.12
CA PHE A 216 -3.60 -29.32 -17.93
C PHE A 216 -3.16 -28.75 -19.27
N GLY A 217 -2.90 -27.45 -19.29
CA GLY A 217 -2.51 -26.79 -20.52
C GLY A 217 -3.67 -26.67 -21.49
N VAL A 218 -4.87 -26.45 -20.98
CA VAL A 218 -6.06 -26.26 -21.81
C VAL A 218 -5.97 -24.90 -22.49
N PRO A 219 -6.84 -24.59 -23.45
CA PRO A 219 -6.91 -23.23 -23.99
C PRO A 219 -6.91 -22.21 -22.89
N PRO A 220 -5.97 -21.27 -22.92
CA PRO A 220 -5.90 -20.26 -21.84
C PRO A 220 -7.22 -19.56 -21.57
N ALA A 221 -8.06 -19.31 -22.59
CA ALA A 221 -9.36 -18.70 -22.32
C ALA A 221 -10.22 -19.59 -21.42
N ALA A 222 -10.07 -20.92 -21.55
CA ALA A 222 -10.85 -21.84 -20.73
C ALA A 222 -10.38 -21.84 -19.28
N ILE A 223 -9.07 -21.80 -19.04
CA ILE A 223 -8.63 -21.75 -17.65
C ILE A 223 -9.06 -20.43 -17.00
N LEU A 224 -9.12 -19.35 -17.78
CA LEU A 224 -9.58 -18.08 -17.24
C LEU A 224 -11.05 -18.15 -16.87
N VAL A 225 -11.90 -18.60 -17.79
CA VAL A 225 -13.33 -18.70 -17.49
C VAL A 225 -13.60 -19.69 -16.36
N SER A 226 -12.78 -20.74 -16.25
CA SER A 226 -12.97 -21.69 -15.15
C SER A 226 -12.70 -21.04 -13.80
N SER A 227 -11.96 -19.94 -13.77
CA SER A 227 -11.65 -19.20 -12.55
C SER A 227 -12.64 -18.07 -12.27
N MET A 228 -13.67 -17.86 -13.15
CA MET A 228 -14.70 -16.79 -13.08
C MET A 228 -15.92 -17.23 -12.30
N PRO A 229 -16.47 -16.39 -11.40
CA PRO A 229 -17.79 -16.69 -10.81
C PRO A 229 -18.95 -16.26 -11.72
N ILE A 230 -19.04 -16.88 -12.90
CA ILE A 230 -20.10 -16.53 -13.85
C ILE A 230 -21.45 -16.98 -13.31
N PRO A 231 -22.54 -16.34 -13.72
CA PRO A 231 -23.85 -16.64 -13.12
C PRO A 231 -24.26 -18.08 -13.34
N GLU A 232 -25.08 -18.58 -12.42
CA GLU A 232 -25.55 -19.95 -12.57
C GLU A 232 -26.39 -20.06 -13.84
N GLY A 233 -26.32 -21.23 -14.47
CA GLY A 233 -27.05 -21.47 -15.70
C GLY A 233 -26.36 -20.99 -16.97
N VAL A 234 -25.26 -20.25 -16.86
CA VAL A 234 -24.46 -19.88 -18.02
C VAL A 234 -23.41 -20.97 -18.21
N SER A 235 -23.31 -21.48 -19.43
CA SER A 235 -22.36 -22.55 -19.71
C SER A 235 -20.96 -21.97 -19.84
N GLU A 236 -19.99 -22.55 -19.11
CA GLU A 236 -18.61 -22.08 -19.18
C GLU A 236 -18.04 -22.26 -20.57
N SER A 237 -18.23 -23.45 -21.15
CA SER A 237 -17.64 -23.75 -22.45
C SER A 237 -18.16 -22.81 -23.53
N ASP A 238 -19.45 -22.49 -23.47
CA ASP A 238 -20.05 -21.65 -24.50
C ASP A 238 -19.62 -20.19 -24.37
N TYR A 239 -19.38 -19.73 -23.14
CA TYR A 239 -18.79 -18.41 -22.95
C TYR A 239 -17.34 -18.37 -23.42
N VAL A 240 -16.58 -19.46 -23.18
CA VAL A 240 -15.25 -19.54 -23.78
C VAL A 240 -15.36 -19.45 -25.30
N GLY A 241 -16.28 -20.20 -25.88
CA GLY A 241 -16.51 -20.05 -27.31
C GLY A 241 -16.77 -18.62 -27.73
N ALA A 242 -17.60 -17.91 -26.96
CA ALA A 242 -17.86 -16.50 -27.27
C ALA A 242 -16.60 -15.67 -27.22
N ILE A 243 -15.73 -15.92 -26.23
CA ILE A 243 -14.48 -15.15 -26.13
C ILE A 243 -13.59 -15.45 -27.33
N LEU A 244 -13.47 -16.72 -27.72
CA LEU A 244 -12.60 -17.10 -28.83
C LEU A 244 -13.16 -16.75 -30.19
N GLY A 245 -14.48 -16.56 -30.30
CA GLY A 245 -15.13 -16.47 -31.60
C GLY A 245 -15.27 -17.80 -32.32
N GLU A 246 -14.85 -18.89 -31.71
CA GLU A 246 -14.98 -20.22 -32.28
C GLU A 246 -15.19 -21.22 -31.14
N SER A 247 -15.78 -22.36 -31.48
CA SER A 247 -16.01 -23.42 -30.52
C SER A 247 -14.69 -23.97 -29.98
N VAL A 248 -14.68 -24.34 -28.70
CA VAL A 248 -13.52 -25.06 -28.16
C VAL A 248 -13.44 -26.45 -28.80
N PRO A 249 -12.29 -26.82 -29.38
CA PRO A 249 -12.18 -28.18 -29.96
C PRO A 249 -11.99 -29.20 -28.84
N VAL A 250 -12.76 -30.28 -28.88
CA VAL A 250 -12.75 -31.29 -27.82
C VAL A 250 -12.69 -32.68 -28.43
N VAL A 251 -12.28 -33.64 -27.60
CA VAL A 251 -12.36 -35.06 -27.93
C VAL A 251 -12.85 -35.79 -26.70
N LYS A 252 -13.43 -36.96 -26.92
CA LYS A 252 -13.92 -37.80 -25.83
C LYS A 252 -12.79 -38.48 -25.08
N CYS A 253 -12.96 -38.58 -23.76
CA CYS A 253 -12.03 -39.34 -22.93
C CYS A 253 -11.94 -40.80 -23.39
N GLU A 254 -10.81 -41.42 -23.05
CA GLU A 254 -10.64 -42.85 -23.32
C GLU A 254 -11.61 -43.71 -22.53
N THR A 255 -11.87 -43.35 -21.26
CA THR A 255 -12.53 -44.27 -20.35
C THR A 255 -13.90 -43.80 -19.88
N ASN A 256 -14.39 -42.65 -20.34
CA ASN A 256 -15.72 -42.19 -19.99
C ASN A 256 -16.20 -41.28 -21.11
N ASP A 257 -17.38 -40.70 -20.95
CA ASP A 257 -18.00 -39.92 -22.02
C ASP A 257 -17.66 -38.43 -21.95
N LEU A 258 -16.83 -38.00 -21.01
CA LEU A 258 -16.51 -36.59 -20.91
C LEU A 258 -15.71 -36.15 -22.12
N MET A 259 -15.87 -34.88 -22.50
CA MET A 259 -15.10 -34.29 -23.58
C MET A 259 -14.05 -33.33 -23.04
N VAL A 260 -12.82 -33.48 -23.52
CA VAL A 260 -11.70 -32.69 -23.00
C VAL A 260 -11.13 -31.84 -24.13
N PRO A 261 -10.53 -30.69 -23.81
CA PRO A 261 -9.94 -29.86 -24.86
C PRO A 261 -8.90 -30.65 -25.63
N ALA A 262 -9.06 -30.67 -26.95
CA ALA A 262 -8.19 -31.47 -27.81
C ALA A 262 -6.73 -31.06 -27.72
N THR A 263 -6.43 -29.80 -27.36
CA THR A 263 -5.04 -29.39 -27.31
C THR A 263 -4.48 -29.37 -25.89
N SER A 264 -5.14 -30.05 -24.95
CA SER A 264 -4.59 -30.19 -23.61
C SER A 264 -3.20 -30.82 -23.64
N GLU A 265 -2.32 -30.32 -22.77
CA GLU A 265 -1.00 -30.92 -22.60
C GLU A 265 -1.10 -32.32 -21.99
N MET A 266 -1.92 -32.47 -20.94
CA MET A 266 -2.16 -33.77 -20.32
C MET A 266 -3.59 -33.84 -19.80
N VAL A 267 -4.14 -35.05 -19.84
CA VAL A 267 -5.50 -35.32 -19.41
C VAL A 267 -5.42 -36.51 -18.47
N PHE A 268 -5.93 -36.34 -17.24
CA PHE A 268 -6.06 -37.45 -16.31
C PHE A 268 -7.54 -37.80 -16.20
N GLU A 269 -7.86 -39.09 -16.28
CA GLU A 269 -9.22 -39.61 -16.24
C GLU A 269 -9.39 -40.58 -15.08
N GLY A 270 -10.60 -40.62 -14.54
CA GLY A 270 -10.91 -41.59 -13.51
C GLY A 270 -12.27 -41.35 -12.89
N THR A 271 -12.39 -41.75 -11.64
CA THR A 271 -13.65 -41.63 -10.91
C THR A 271 -13.35 -41.11 -9.52
N LEU A 272 -14.29 -40.38 -8.95
CA LEU A 272 -14.13 -39.94 -7.57
C LEU A 272 -15.22 -40.58 -6.72
N SER A 273 -14.93 -40.73 -5.44
CA SER A 273 -15.84 -41.41 -4.55
C SER A 273 -16.28 -40.45 -3.47
N LEU A 274 -17.57 -40.49 -3.15
CA LEU A 274 -18.13 -39.65 -2.10
C LEU A 274 -17.92 -40.24 -0.73
N THR A 275 -17.62 -41.54 -0.66
CA THR A 275 -17.42 -42.23 0.61
C THR A 275 -15.95 -42.31 1.01
N ASP A 276 -15.06 -42.57 0.06
CA ASP A 276 -13.64 -42.71 0.38
C ASP A 276 -13.03 -41.33 0.47
N THR A 277 -12.34 -41.06 1.57
CA THR A 277 -11.79 -39.73 1.81
C THR A 277 -10.34 -39.83 2.25
N HIS A 278 -9.65 -38.70 2.16
CA HIS A 278 -8.28 -38.61 2.65
C HIS A 278 -8.06 -37.19 3.14
N LEU A 279 -7.19 -37.04 4.15
CA LEU A 279 -6.88 -35.71 4.64
C LEU A 279 -6.23 -34.89 3.54
N GLU A 280 -6.63 -33.62 3.44
CA GLU A 280 -6.15 -32.76 2.39
C GLU A 280 -5.51 -31.53 3.00
N GLY A 281 -4.50 -31.00 2.32
CA GLY A 281 -3.89 -29.77 2.75
C GLY A 281 -2.96 -30.00 3.91
N PRO A 282 -2.42 -28.91 4.46
CA PRO A 282 -2.69 -27.52 4.08
C PRO A 282 -1.98 -27.14 2.79
N PHE A 283 -2.27 -25.95 2.27
CA PHE A 283 -1.66 -25.45 1.05
C PHE A 283 -1.43 -23.97 1.22
N GLY A 284 -0.27 -23.48 0.77
CA GLY A 284 -0.02 -22.06 0.81
C GLY A 284 -1.00 -21.35 -0.10
N GLU A 285 -1.71 -20.36 0.41
CA GLU A 285 -2.91 -19.92 -0.27
C GLU A 285 -2.87 -18.43 -0.58
N MET A 286 -3.98 -17.96 -1.14
CA MET A 286 -4.07 -16.63 -1.76
C MET A 286 -3.86 -15.48 -0.77
N HIS A 287 -3.94 -15.73 0.53
CA HIS A 287 -3.75 -14.64 1.47
C HIS A 287 -2.35 -14.60 2.05
N GLY A 288 -1.47 -15.49 1.60
CA GLY A 288 -0.06 -15.43 1.91
C GLY A 288 0.42 -16.32 3.02
N TYR A 289 -0.38 -17.27 3.48
CA TYR A 289 -0.03 -18.14 4.60
C TYR A 289 -0.14 -19.62 4.23
N VAL A 290 0.74 -20.44 4.81
CA VAL A 290 0.44 -21.85 5.09
C VAL A 290 0.13 -21.92 6.59
N PHE A 291 -1.10 -22.26 6.94
CA PHE A 291 -1.47 -22.46 8.33
C PHE A 291 -1.42 -23.94 8.65
N LYS A 292 -0.82 -24.28 9.79
CA LYS A 292 -0.86 -25.65 10.27
C LYS A 292 -2.14 -25.90 11.03
N SER A 293 -2.67 -27.10 10.89
CA SER A 293 -3.97 -27.45 11.45
C SER A 293 -4.14 -28.96 11.35
N GLN A 294 -5.18 -29.45 12.01
CA GLN A 294 -5.50 -30.88 11.98
C GLN A 294 -5.64 -31.41 10.55
N GLY A 295 -6.11 -30.60 9.61
CA GLY A 295 -6.43 -31.10 8.27
C GLY A 295 -7.84 -31.67 8.18
N HIS A 296 -8.42 -31.62 6.97
CA HIS A 296 -9.82 -31.94 6.72
C HIS A 296 -9.98 -33.04 5.66
N PRO A 297 -10.85 -34.03 5.89
CA PRO A 297 -11.04 -35.09 4.89
C PRO A 297 -11.65 -34.53 3.61
N CYS A 298 -11.19 -35.02 2.48
CA CYS A 298 -11.73 -34.63 1.19
C CYS A 298 -11.91 -35.86 0.33
N PRO A 299 -12.81 -35.81 -0.66
CA PRO A 299 -13.05 -37.00 -1.48
C PRO A 299 -11.79 -37.44 -2.22
N LEU A 300 -11.74 -38.73 -2.50
CA LEU A 300 -10.60 -39.37 -3.13
C LEU A 300 -10.89 -39.52 -4.62
N TYR A 301 -9.94 -39.11 -5.46
CA TYR A 301 -10.02 -39.24 -6.91
C TYR A 301 -9.06 -40.33 -7.36
N THR A 302 -9.59 -41.36 -7.99
CA THR A 302 -8.80 -42.47 -8.51
C THR A 302 -8.52 -42.22 -9.99
N VAL A 303 -7.24 -42.13 -10.34
CA VAL A 303 -6.84 -41.96 -11.73
C VAL A 303 -6.75 -43.33 -12.39
N LYS A 304 -7.50 -43.51 -13.48
CA LYS A 304 -7.58 -44.78 -14.18
C LYS A 304 -7.01 -44.72 -15.59
N ALA A 305 -6.77 -43.53 -16.15
CA ALA A 305 -6.20 -43.39 -17.48
C ALA A 305 -5.56 -42.02 -17.62
N MET A 306 -4.70 -41.90 -18.62
CA MET A 306 -3.94 -40.70 -18.89
C MET A 306 -3.67 -40.59 -20.38
N SER A 307 -3.64 -39.35 -20.87
CA SER A 307 -3.20 -39.06 -22.22
C SER A 307 -2.45 -37.73 -22.21
N TYR A 308 -1.50 -37.58 -23.12
CA TYR A 308 -0.64 -36.41 -23.08
C TYR A 308 0.07 -36.21 -24.41
N ARG A 309 0.58 -34.99 -24.58
CA ARG A 309 1.36 -34.56 -25.73
C ARG A 309 2.81 -34.99 -25.58
N ASP A 310 3.56 -34.99 -26.69
CA ASP A 310 5.01 -35.04 -26.60
C ASP A 310 5.51 -33.83 -25.81
N ASN A 311 6.53 -34.05 -24.97
CA ASN A 311 7.15 -32.98 -24.21
C ASN A 311 6.09 -32.11 -23.52
N ALA A 312 5.25 -32.77 -22.72
CA ALA A 312 4.13 -32.08 -22.09
C ALA A 312 4.61 -31.07 -21.06
N ILE A 313 3.76 -30.06 -20.83
CA ILE A 313 4.06 -28.95 -19.93
C ILE A 313 2.93 -28.84 -18.91
N LEU A 314 3.30 -28.81 -17.63
CA LEU A 314 2.36 -28.59 -16.55
C LEU A 314 2.39 -27.12 -16.18
N PRO A 315 1.31 -26.37 -16.39
CA PRO A 315 1.27 -25.01 -15.86
C PRO A 315 1.04 -25.06 -14.37
N VAL A 316 1.73 -24.18 -13.63
CA VAL A 316 1.72 -24.22 -12.17
C VAL A 316 1.49 -22.81 -11.65
N SER A 317 0.67 -22.70 -10.62
CA SER A 317 0.46 -21.46 -9.88
C SER A 317 0.83 -21.72 -8.43
N ASN A 318 1.68 -20.86 -7.86
CA ASN A 318 2.20 -21.02 -6.51
C ASN A 318 1.72 -19.86 -5.65
N PRO A 319 0.54 -19.97 -5.02
CA PRO A 319 -0.07 -18.80 -4.37
C PRO A 319 0.66 -18.34 -3.12
N GLY A 320 0.48 -17.04 -2.82
CA GLY A 320 1.07 -16.47 -1.62
C GLY A 320 0.82 -14.98 -1.51
N LEU A 321 1.86 -14.26 -1.06
CA LEU A 321 1.85 -12.80 -1.07
C LEU A 321 1.53 -12.29 -2.47
N CYS A 322 1.00 -11.08 -2.59
CA CYS A 322 0.80 -10.54 -3.93
C CYS A 322 2.16 -10.46 -4.63
N THR A 323 2.17 -10.64 -5.95
CA THR A 323 1.03 -10.81 -6.85
C THR A 323 1.16 -12.09 -7.67
N ASP A 324 0.14 -12.94 -7.63
CA ASP A 324 0.13 -14.16 -8.43
C ASP A 324 -1.27 -14.34 -9.02
N GLU A 325 -1.53 -15.53 -9.57
CA GLU A 325 -2.79 -15.79 -10.27
C GLU A 325 -4.01 -15.67 -9.35
N THR A 326 -3.85 -15.91 -8.06
CA THR A 326 -5.03 -15.77 -7.22
C THR A 326 -5.43 -14.31 -7.06
N HIS A 327 -4.56 -13.38 -7.43
CA HIS A 327 -4.89 -11.96 -7.41
C HIS A 327 -5.24 -11.44 -8.79
N THR A 328 -4.44 -11.80 -9.81
CA THR A 328 -4.66 -11.26 -11.14
C THR A 328 -5.83 -11.92 -11.85
N LEU A 329 -6.14 -13.17 -11.50
CA LEU A 329 -7.27 -13.88 -12.10
C LEU A 329 -8.44 -13.97 -11.14
N ILE A 330 -8.26 -14.61 -9.97
CA ILE A 330 -9.40 -14.83 -9.09
C ILE A 330 -9.97 -13.50 -8.63
N GLY A 331 -9.11 -12.58 -8.21
CA GLY A 331 -9.60 -11.27 -7.76
C GLY A 331 -10.17 -10.43 -8.88
N SER A 332 -9.46 -10.34 -10.00
CA SER A 332 -9.96 -9.51 -11.10
C SER A 332 -11.19 -10.09 -11.77
N LEU A 333 -11.37 -11.42 -11.72
CA LEU A 333 -12.60 -11.97 -12.30
C LEU A 333 -13.78 -11.80 -11.37
N VAL A 334 -13.53 -11.76 -10.07
CA VAL A 334 -14.58 -11.34 -9.14
C VAL A 334 -14.94 -9.88 -9.42
N ALA A 335 -13.94 -9.02 -9.64
CA ALA A 335 -14.22 -7.63 -9.97
C ALA A 335 -15.02 -7.50 -11.26
N THR A 336 -14.73 -8.36 -12.24
CA THR A 336 -15.49 -8.31 -13.49
C THR A 336 -16.97 -8.56 -13.22
N GLU A 337 -17.28 -9.64 -12.50
CA GLU A 337 -18.67 -9.94 -12.22
C GLU A 337 -19.29 -8.94 -11.25
N ALA A 338 -18.48 -8.28 -10.40
CA ALA A 338 -19.01 -7.22 -9.54
C ALA A 338 -19.43 -6.01 -10.36
N LYS A 339 -18.66 -5.67 -11.40
CA LYS A 339 -19.11 -4.61 -12.31
C LYS A 339 -20.40 -5.01 -13.01
N GLU A 340 -20.50 -6.25 -13.46
CA GLU A 340 -21.73 -6.71 -14.10
C GLU A 340 -22.92 -6.59 -13.15
N LEU A 341 -22.76 -7.09 -11.92
CA LEU A 341 -23.81 -6.99 -10.92
C LEU A 341 -24.22 -5.54 -10.68
N ALA A 342 -23.25 -4.62 -10.64
CA ALA A 342 -23.58 -3.21 -10.47
C ALA A 342 -24.44 -2.72 -11.62
N ILE A 343 -24.08 -3.08 -12.85
CA ILE A 343 -24.83 -2.61 -14.00
C ILE A 343 -26.25 -3.17 -13.97
N GLU A 344 -26.40 -4.46 -13.64
CA GLU A 344 -27.71 -5.09 -13.62
C GLU A 344 -28.60 -4.55 -12.51
N SER A 345 -28.02 -4.18 -11.37
N SER A 345 -27.99 -4.18 -11.37
CA SER A 345 -28.79 -3.65 -10.26
CA SER A 345 -28.74 -3.65 -10.24
C SER A 345 -29.02 -2.15 -10.36
C SER A 345 -29.04 -2.17 -10.38
N GLY A 346 -28.44 -1.49 -11.35
CA GLY A 346 -28.63 -0.06 -11.51
C GLY A 346 -27.83 0.82 -10.56
N LEU A 347 -26.81 0.28 -9.89
CA LEU A 347 -25.95 1.10 -9.05
C LEU A 347 -25.07 2.01 -9.91
N PRO A 348 -24.80 3.25 -9.44
CA PRO A 348 -23.95 4.20 -10.21
C PRO A 348 -22.45 3.94 -10.06
N ILE A 349 -22.00 2.83 -10.65
CA ILE A 349 -20.63 2.32 -10.53
C ILE A 349 -19.96 2.36 -11.90
N LEU A 350 -18.81 3.03 -11.98
CA LEU A 350 -18.04 3.09 -13.23
C LEU A 350 -17.14 1.87 -13.40
N ASP A 351 -16.45 1.44 -12.34
CA ASP A 351 -15.53 0.32 -12.42
C ASP A 351 -15.42 -0.35 -11.06
N ALA A 352 -14.94 -1.60 -11.08
CA ALA A 352 -14.67 -2.38 -9.87
C ALA A 352 -13.28 -3.01 -10.00
N PHE A 353 -12.61 -3.18 -8.87
CA PHE A 353 -11.27 -3.77 -8.90
C PHE A 353 -10.94 -4.36 -7.53
N MET A 354 -10.05 -5.35 -7.52
CA MET A 354 -9.75 -6.02 -6.26
C MET A 354 -8.24 -5.82 -6.15
N PRO A 355 -7.76 -4.85 -5.39
CA PRO A 355 -6.32 -4.56 -5.41
C PRO A 355 -5.48 -5.74 -4.94
N TYR A 356 -4.40 -5.98 -5.67
CA TYR A 356 -3.53 -7.12 -5.38
C TYR A 356 -2.89 -6.99 -4.00
N GLU A 357 -2.51 -5.76 -3.62
CA GLU A 357 -1.90 -5.51 -2.31
C GLU A 357 -2.82 -5.89 -1.14
N ALA A 358 -4.13 -5.96 -1.35
CA ALA A 358 -5.05 -6.39 -0.32
C ALA A 358 -5.42 -7.87 -0.44
N GLN A 359 -4.60 -8.65 -1.17
CA GLN A 359 -4.72 -10.10 -1.22
C GLN A 359 -6.13 -10.56 -1.61
N ALA A 360 -6.77 -9.81 -2.51
CA ALA A 360 -8.08 -10.16 -3.07
C ALA A 360 -9.16 -10.24 -2.00
N LEU A 361 -9.03 -9.40 -0.97
CA LEU A 361 -10.03 -9.26 0.08
C LEU A 361 -10.81 -7.96 0.00
N TRP A 362 -10.23 -6.94 -0.63
CA TRP A 362 -10.85 -5.64 -0.81
C TRP A 362 -11.45 -5.54 -2.20
N LEU A 363 -12.71 -5.13 -2.29
CA LEU A 363 -13.33 -4.76 -3.56
C LEU A 363 -13.53 -3.24 -3.57
N ILE A 364 -12.86 -2.53 -4.48
CA ILE A 364 -13.05 -1.09 -4.64
C ILE A 364 -14.12 -0.86 -5.70
N LEU A 365 -15.10 -0.02 -5.37
CA LEU A 365 -16.13 0.39 -6.32
C LEU A 365 -15.97 1.88 -6.59
N LYS A 366 -15.72 2.22 -7.85
CA LYS A 366 -15.54 3.61 -8.28
C LYS A 366 -16.92 4.16 -8.64
N VAL A 367 -17.39 5.14 -7.86
CA VAL A 367 -18.77 5.61 -7.92
C VAL A 367 -18.86 6.86 -8.77
N ASP A 368 -19.77 6.84 -9.75
CA ASP A 368 -20.11 7.99 -10.58
C ASP A 368 -20.86 9.02 -9.72
N LEU A 369 -20.22 10.16 -9.41
CA LEU A 369 -20.83 11.08 -8.46
C LEU A 369 -22.11 11.70 -9.01
N LYS A 370 -22.16 11.98 -10.32
CA LYS A 370 -23.41 12.45 -10.91
C LYS A 370 -24.55 11.48 -10.66
N GLY A 371 -24.32 10.19 -10.94
CA GLY A 371 -25.33 9.20 -10.65
C GLY A 371 -25.67 9.11 -9.18
N LEU A 372 -24.65 9.14 -8.32
CA LEU A 372 -24.92 9.03 -6.89
C LEU A 372 -25.76 10.22 -6.41
N GLN A 373 -25.44 11.42 -6.88
CA GLN A 373 -26.14 12.60 -6.40
C GLN A 373 -27.61 12.59 -6.84
N ALA A 374 -27.89 12.05 -8.02
CA ALA A 374 -29.27 11.90 -8.48
C ALA A 374 -30.09 10.97 -7.60
N LEU A 375 -29.46 10.02 -6.88
CA LEU A 375 -30.21 9.20 -5.96
C LEU A 375 -30.71 9.95 -4.74
N LYS A 376 -30.14 11.13 -4.45
CA LYS A 376 -30.57 11.94 -3.30
C LYS A 376 -30.62 11.11 -2.03
N THR A 377 -29.53 10.39 -1.77
CA THR A 377 -29.50 9.40 -0.69
C THR A 377 -28.44 9.80 0.34
N THR A 378 -28.29 8.95 1.36
CA THR A 378 -27.36 9.14 2.46
C THR A 378 -26.32 8.03 2.45
N PRO A 379 -25.12 8.30 2.96
CA PRO A 379 -24.11 7.22 3.05
C PRO A 379 -24.64 5.94 3.70
N GLU A 380 -25.40 6.06 4.78
CA GLU A 380 -25.90 4.86 5.45
C GLU A 380 -26.85 4.08 4.55
N GLU A 381 -27.76 4.77 3.86
CA GLU A 381 -28.67 4.05 2.97
C GLU A 381 -27.92 3.43 1.80
N PHE A 382 -26.94 4.15 1.25
CA PHE A 382 -26.21 3.62 0.09
C PHE A 382 -25.32 2.44 0.47
N CYS A 383 -24.62 2.52 1.60
CA CYS A 383 -23.82 1.39 2.08
C CYS A 383 -24.66 0.14 2.31
N LYS A 384 -25.86 0.30 2.89
CA LYS A 384 -26.76 -0.84 3.06
C LYS A 384 -27.16 -1.43 1.72
N LYS A 385 -27.61 -0.56 0.80
CA LYS A 385 -28.01 -1.01 -0.53
C LYS A 385 -26.90 -1.79 -1.21
N VAL A 386 -25.68 -1.23 -1.19
CA VAL A 386 -24.56 -1.89 -1.86
C VAL A 386 -24.23 -3.25 -1.21
N GLY A 387 -24.04 -3.26 0.12
CA GLY A 387 -23.74 -4.52 0.80
C GLY A 387 -24.82 -5.57 0.60
N ASP A 388 -26.08 -5.18 0.68
CA ASP A 388 -27.16 -6.15 0.46
C ASP A 388 -27.09 -6.75 -0.94
N ILE A 389 -26.67 -5.97 -1.94
CA ILE A 389 -26.57 -6.49 -3.30
C ILE A 389 -25.42 -7.48 -3.43
N TYR A 390 -24.26 -7.19 -2.81
CA TYR A 390 -23.09 -8.01 -3.09
C TYR A 390 -22.93 -9.19 -2.14
N PHE A 391 -23.19 -9.02 -0.84
CA PHE A 391 -22.74 -10.02 0.12
C PHE A 391 -23.64 -11.24 0.20
N ARG A 392 -24.70 -11.28 -0.61
CA ARG A 392 -25.58 -12.43 -0.68
C ARG A 392 -25.43 -13.20 -2.00
N THR A 393 -24.34 -12.97 -2.73
CA THR A 393 -24.14 -13.59 -4.03
C THR A 393 -22.84 -14.38 -4.03
N LYS A 394 -22.77 -15.30 -4.99
CA LYS A 394 -21.53 -16.01 -5.31
C LYS A 394 -20.40 -15.04 -5.57
N VAL A 395 -20.71 -13.86 -6.14
CA VAL A 395 -19.68 -12.91 -6.49
C VAL A 395 -19.00 -12.37 -5.25
N GLY A 396 -19.75 -12.18 -4.16
CA GLY A 396 -19.24 -11.56 -2.95
C GLY A 396 -18.54 -12.45 -1.95
N VAL A 397 -18.47 -13.75 -2.21
CA VAL A 397 -17.97 -14.74 -1.23
C VAL A 397 -16.60 -14.36 -0.69
N LEU A 398 -15.63 -14.16 -1.59
CA LEU A 398 -14.26 -13.91 -1.16
CA LEU A 398 -14.26 -13.91 -1.16
C LEU A 398 -14.06 -12.50 -0.62
N VAL A 399 -15.00 -11.59 -0.88
CA VAL A 399 -14.82 -10.18 -0.57
C VAL A 399 -15.18 -9.93 0.89
N HIS A 400 -14.25 -9.36 1.66
CA HIS A 400 -14.59 -9.04 3.02
C HIS A 400 -14.74 -7.55 3.31
N GLU A 401 -14.24 -6.68 2.44
CA GLU A 401 -14.47 -5.24 2.61
C GLU A 401 -14.75 -4.63 1.24
N ILE A 402 -15.91 -3.99 1.11
CA ILE A 402 -16.23 -3.24 -0.09
C ILE A 402 -15.95 -1.78 0.21
N ILE A 403 -15.18 -1.13 -0.66
CA ILE A 403 -14.75 0.24 -0.43
C ILE A 403 -15.32 1.13 -1.53
N LEU A 404 -16.08 2.14 -1.14
CA LEU A 404 -16.72 3.07 -2.05
C LEU A 404 -15.87 4.34 -2.16
N VAL A 405 -15.45 4.69 -3.38
CA VAL A 405 -14.65 5.90 -3.62
C VAL A 405 -15.26 6.68 -4.76
N ALA A 406 -15.03 7.99 -4.78
CA ALA A 406 -15.55 8.85 -5.84
C ALA A 406 -14.81 8.60 -7.15
N ASP A 407 -15.37 9.18 -8.23
CA ASP A 407 -14.83 8.99 -9.58
C ASP A 407 -13.52 9.75 -9.81
N ASP A 408 -12.92 10.43 -8.84
CA ASP A 408 -11.60 11.01 -9.05
C ASP A 408 -10.46 10.06 -8.70
N ILE A 409 -10.76 8.84 -8.25
CA ILE A 409 -9.73 7.88 -7.85
C ILE A 409 -9.52 6.85 -8.96
N ASP A 410 -8.28 6.66 -9.37
CA ASP A 410 -7.93 5.55 -10.27
C ASP A 410 -7.81 4.29 -9.43
N ILE A 411 -8.85 3.46 -9.42
CA ILE A 411 -8.90 2.34 -8.51
C ILE A 411 -7.94 1.24 -8.90
N PHE A 412 -7.38 1.31 -10.11
CA PHE A 412 -6.38 0.34 -10.56
C PHE A 412 -4.98 0.73 -10.12
N ASN A 413 -4.84 1.86 -9.43
CA ASN A 413 -3.56 2.38 -8.96
C ASN A 413 -3.60 2.39 -7.44
N PHE A 414 -2.90 1.45 -6.80
CA PHE A 414 -3.04 1.34 -5.36
C PHE A 414 -2.52 2.57 -4.62
N LYS A 415 -1.66 3.37 -5.26
CA LYS A 415 -1.24 4.63 -4.65
C LYS A 415 -2.44 5.53 -4.39
N GLU A 416 -3.36 5.59 -5.37
CA GLU A 416 -4.55 6.42 -5.20
C GLU A 416 -5.55 5.77 -4.26
N VAL A 417 -5.65 4.43 -4.26
CA VAL A 417 -6.63 3.74 -3.43
C VAL A 417 -6.29 3.89 -1.95
N ILE A 418 -5.03 3.64 -1.57
CA ILE A 418 -4.67 3.71 -0.15
C ILE A 418 -4.81 5.14 0.37
N TRP A 419 -4.49 6.12 -0.48
CA TRP A 419 -4.68 7.52 -0.13
C TRP A 419 -6.14 7.83 0.14
N ALA A 420 -7.02 7.42 -0.78
CA ALA A 420 -8.44 7.65 -0.58
C ALA A 420 -8.95 6.87 0.62
N TYR A 421 -8.42 5.66 0.81
CA TYR A 421 -8.87 4.84 1.94
C TYR A 421 -8.57 5.54 3.27
N VAL A 422 -7.33 5.94 3.48
CA VAL A 422 -6.98 6.45 4.81
C VAL A 422 -7.54 7.86 5.01
N THR A 423 -7.67 8.66 3.95
CA THR A 423 -8.03 10.05 4.17
C THR A 423 -9.52 10.32 4.07
N ARG A 424 -10.33 9.40 3.54
CA ARG A 424 -11.72 9.76 3.26
C ARG A 424 -12.74 8.96 4.06
N HIS A 425 -12.34 8.02 4.91
CA HIS A 425 -13.31 7.38 5.79
C HIS A 425 -12.86 7.57 7.24
N THR A 426 -13.84 7.81 8.09
CA THR A 426 -13.63 7.82 9.53
C THR A 426 -13.60 6.38 10.02
N PRO A 427 -12.52 5.94 10.69
CA PRO A 427 -12.48 4.57 11.20
C PRO A 427 -13.71 4.25 12.05
N VAL A 428 -14.28 3.06 11.79
CA VAL A 428 -15.49 2.53 12.45
C VAL A 428 -16.74 3.31 12.07
N ALA A 429 -16.75 4.62 12.30
CA ALA A 429 -17.96 5.40 12.03
C ALA A 429 -18.40 5.27 10.57
N ASP A 430 -17.46 5.21 9.63
CA ASP A 430 -17.80 5.13 8.21
C ASP A 430 -17.78 3.72 7.65
N GLN A 431 -17.85 2.70 8.50
CA GLN A 431 -17.87 1.31 8.05
C GLN A 431 -19.16 0.67 8.53
N MET A 432 -19.85 -0.04 7.65
CA MET A 432 -21.04 -0.72 8.13
C MET A 432 -20.84 -2.23 8.08
N ALA A 433 -20.89 -2.85 9.26
CA ALA A 433 -20.69 -4.28 9.39
C ALA A 433 -21.87 -5.06 8.83
N PHE A 434 -21.57 -6.18 8.20
CA PHE A 434 -22.59 -7.16 7.79
C PHE A 434 -22.32 -8.41 8.61
N ASP A 435 -23.13 -8.62 9.64
CA ASP A 435 -22.91 -9.64 10.65
C ASP A 435 -23.45 -11.01 10.26
N ASP A 436 -24.33 -11.08 9.27
CA ASP A 436 -25.13 -12.26 9.04
C ASP A 436 -24.77 -12.98 7.74
N VAL A 437 -23.95 -12.37 6.88
CA VAL A 437 -23.69 -12.88 5.54
C VAL A 437 -22.64 -13.98 5.64
N PRO A 438 -22.51 -14.87 4.65
CA PRO A 438 -21.49 -15.93 4.75
C PRO A 438 -20.10 -15.35 4.76
N SER A 439 -19.27 -15.82 5.70
CA SER A 439 -17.85 -15.44 5.70
C SER A 439 -17.08 -16.27 4.69
N PHE A 440 -15.88 -15.80 4.33
CA PHE A 440 -15.00 -16.55 3.44
C PHE A 440 -14.11 -17.47 4.26
N VAL A 441 -14.23 -18.77 4.03
CA VAL A 441 -13.55 -19.79 4.84
C VAL A 441 -12.04 -19.58 4.85
N LEU A 442 -11.49 -19.04 3.77
CA LEU A 442 -10.04 -18.93 3.65
C LEU A 442 -9.45 -17.69 4.31
N ALA A 443 -10.24 -16.63 4.51
CA ALA A 443 -9.69 -15.38 5.04
C ALA A 443 -8.97 -15.67 6.36
N PRO A 444 -7.72 -15.26 6.53
CA PRO A 444 -7.00 -15.67 7.74
C PRO A 444 -7.65 -15.19 9.02
N PHE A 445 -8.20 -13.97 9.06
CA PHE A 445 -8.83 -13.53 10.29
C PHE A 445 -10.08 -14.33 10.58
N VAL A 446 -10.62 -15.02 9.57
CA VAL A 446 -11.72 -15.95 9.80
C VAL A 446 -11.18 -17.29 10.30
N SER A 447 -10.24 -17.89 9.55
CA SER A 447 -9.81 -19.26 9.82
C SER A 447 -9.05 -19.38 11.14
N GLN A 448 -8.40 -18.31 11.58
CA GLN A 448 -7.69 -18.29 12.85
C GLN A 448 -8.54 -17.69 13.97
N SER A 449 -9.87 -17.79 13.86
CA SER A 449 -10.78 -17.21 14.86
C SER A 449 -11.94 -18.16 15.08
N SER A 450 -12.75 -17.86 16.11
CA SER A 450 -13.93 -18.67 16.36
C SER A 450 -14.92 -18.60 15.19
N ARG A 451 -14.79 -17.58 14.33
CA ARG A 451 -15.68 -17.46 13.20
C ARG A 451 -15.50 -18.58 12.19
N SER A 452 -14.39 -19.32 12.25
CA SER A 452 -14.24 -20.46 11.35
C SER A 452 -15.33 -21.49 11.56
N LYS A 453 -15.98 -21.48 12.73
CA LYS A 453 -17.01 -22.46 13.05
C LYS A 453 -18.42 -21.87 13.09
N THR A 454 -18.57 -20.56 12.99
CA THR A 454 -19.88 -19.95 12.80
C THR A 454 -20.09 -19.52 11.37
N MET A 455 -19.02 -19.08 10.72
CA MET A 455 -18.96 -18.79 9.28
C MET A 455 -19.93 -17.69 8.86
N LYS A 456 -20.21 -16.78 9.78
CA LYS A 456 -21.10 -15.66 9.51
C LYS A 456 -20.44 -14.36 9.91
N GLY A 457 -20.60 -13.35 9.06
CA GLY A 457 -20.22 -11.99 9.39
C GLY A 457 -18.75 -11.68 9.14
N GLY A 458 -18.30 -10.60 9.75
CA GLY A 458 -16.94 -10.15 9.56
C GLY A 458 -16.69 -9.46 8.24
N LYS A 459 -17.72 -8.89 7.61
CA LYS A 459 -17.59 -8.12 6.39
C LYS A 459 -18.06 -6.68 6.63
N CYS A 460 -17.62 -5.73 5.80
CA CYS A 460 -18.25 -4.43 5.91
C CYS A 460 -18.23 -3.75 4.56
N VAL A 461 -19.00 -2.66 4.48
CA VAL A 461 -18.88 -1.67 3.42
C VAL A 461 -18.29 -0.43 4.07
N THR A 462 -17.25 0.11 3.46
CA THR A 462 -16.53 1.27 3.99
C THR A 462 -16.76 2.45 3.06
N ASN A 463 -17.32 3.52 3.59
CA ASN A 463 -17.66 4.69 2.78
C ASN A 463 -16.47 5.64 2.76
N CYS A 464 -15.80 5.73 1.61
CA CYS A 464 -14.70 6.66 1.39
C CYS A 464 -15.11 7.79 0.44
N ILE A 465 -16.40 8.10 0.42
CA ILE A 465 -16.94 9.23 -0.34
C ILE A 465 -17.29 10.34 0.65
N PHE A 466 -16.78 11.55 0.40
CA PHE A 466 -17.06 12.66 1.31
C PHE A 466 -18.55 12.95 1.36
N ARG A 467 -19.04 13.37 2.53
CA ARG A 467 -20.47 13.65 2.69
C ARG A 467 -20.98 14.58 1.58
N GLN A 468 -20.24 15.67 1.32
CA GLN A 468 -20.65 16.63 0.30
C GLN A 468 -20.73 15.99 -1.08
N GLN A 469 -19.94 14.95 -1.34
CA GLN A 469 -19.99 14.29 -2.64
C GLN A 469 -21.27 13.51 -2.86
N TYR A 470 -22.04 13.24 -1.80
CA TYR A 470 -23.37 12.66 -1.97
C TYR A 470 -24.38 13.69 -2.48
N GLU A 471 -24.03 14.97 -2.39
CA GLU A 471 -24.98 16.08 -2.55
C GLU A 471 -24.69 16.99 -3.72
N ARG A 472 -23.43 17.34 -3.98
CA ARG A 472 -23.17 18.33 -5.01
C ARG A 472 -21.68 18.30 -5.32
N SER A 473 -21.26 19.23 -6.18
CA SER A 473 -19.86 19.32 -6.57
C SER A 473 -18.99 19.64 -5.36
N PHE A 474 -17.77 19.12 -5.38
CA PHE A 474 -16.81 19.36 -4.31
C PHE A 474 -15.45 19.47 -4.96
N ASP A 475 -14.93 20.69 -5.07
CA ASP A 475 -13.71 20.99 -5.81
C ASP A 475 -12.57 21.17 -4.81
N TYR A 476 -11.65 20.19 -4.78
CA TYR A 476 -10.46 20.24 -3.95
C TYR A 476 -9.23 19.94 -4.80
N ILE A 477 -8.06 20.31 -4.30
CA ILE A 477 -6.80 20.09 -5.01
C ILE A 477 -6.17 18.80 -4.50
N THR A 478 -5.74 17.95 -5.42
CA THR A 478 -4.99 16.75 -5.08
C THR A 478 -3.51 17.11 -5.13
N CYS A 479 -2.83 17.08 -3.99
CA CYS A 479 -1.48 17.66 -3.89
C CYS A 479 -0.40 16.65 -4.29
N ASN A 480 -0.33 16.39 -5.59
CA ASN A 480 0.83 15.70 -6.14
C ASN A 480 1.26 16.43 -7.40
N PHE A 481 2.29 15.89 -8.07
CA PHE A 481 2.84 16.58 -9.22
C PHE A 481 1.87 16.61 -10.38
N GLU A 482 1.31 15.46 -10.76
CA GLU A 482 0.57 15.39 -12.02
C GLU A 482 -0.83 16.01 -11.87
N LYS A 483 -1.47 15.79 -10.73
CA LYS A 483 -2.82 16.34 -10.49
C LYS A 483 -2.78 17.69 -9.80
N GLY A 484 -1.67 18.08 -9.18
CA GLY A 484 -1.74 19.29 -8.41
C GLY A 484 -1.43 20.56 -9.15
N TYR A 485 -0.90 20.48 -10.36
CA TYR A 485 -0.35 21.64 -11.03
C TYR A 485 -0.90 21.79 -12.44
N PRO A 486 -0.91 23.02 -12.96
CA PRO A 486 -1.40 23.27 -14.32
C PRO A 486 -0.70 22.37 -15.33
N LYS A 487 -1.46 21.84 -16.28
CA LYS A 487 -0.89 20.84 -17.17
C LYS A 487 0.26 21.42 -17.98
N GLY A 488 0.16 22.69 -18.39
CA GLY A 488 1.25 23.30 -19.12
C GLY A 488 2.50 23.49 -18.29
N LEU A 489 2.33 23.73 -16.98
CA LEU A 489 3.47 23.79 -16.07
C LEU A 489 4.12 22.43 -15.89
N VAL A 490 3.30 21.40 -15.69
CA VAL A 490 3.79 20.02 -15.66
C VAL A 490 4.59 19.73 -16.93
N ASP A 491 4.04 20.12 -18.09
CA ASP A 491 4.74 19.98 -19.36
C ASP A 491 6.09 20.68 -19.35
N LYS A 492 6.10 21.96 -18.94
CA LYS A 492 7.35 22.71 -18.91
C LYS A 492 8.38 22.06 -17.99
N VAL A 493 7.97 21.63 -16.81
CA VAL A 493 8.88 20.99 -15.86
C VAL A 493 9.44 19.69 -16.44
N ASN A 494 8.56 18.87 -17.02
CA ASN A 494 9.03 17.62 -17.62
C ASN A 494 9.99 17.90 -18.77
N GLU A 495 9.70 18.93 -19.57
CA GLU A 495 10.51 19.23 -20.74
C GLU A 495 11.87 19.77 -20.35
N ASN A 496 11.96 20.46 -19.22
CA ASN A 496 13.20 21.06 -18.76
C ASN A 496 13.93 20.24 -17.71
N TRP A 497 13.40 19.07 -17.34
CA TRP A 497 13.94 18.31 -16.22
C TRP A 497 15.45 18.05 -16.36
N LYS A 498 15.88 17.59 -17.53
CA LYS A 498 17.32 17.31 -17.71
C LYS A 498 18.13 18.60 -17.79
N ARG A 499 17.58 19.64 -18.43
CA ARG A 499 18.24 20.93 -18.46
C ARG A 499 18.49 21.47 -17.04
N TYR A 500 17.58 21.20 -16.10
CA TYR A 500 17.82 21.61 -14.73
C TYR A 500 19.07 20.95 -14.16
N GLY A 501 19.34 19.71 -14.57
CA GLY A 501 20.44 18.95 -14.03
C GLY A 501 20.06 17.54 -13.57
N TYR A 502 18.78 17.19 -13.62
CA TYR A 502 18.34 15.87 -13.21
C TYR A 502 18.60 14.83 -14.29
N LYS A 503 18.58 13.57 -13.89
CA LYS A 503 18.72 12.47 -14.82
C LYS A 503 17.45 12.34 -15.67
N LYS B 3 36.07 18.44 9.87
CA LYS B 3 35.20 17.59 9.09
C LYS B 3 33.79 18.19 9.02
N LEU B 4 32.98 17.70 8.08
CA LEU B 4 31.63 18.22 7.92
C LEU B 4 30.76 17.81 9.10
N ASN B 5 29.93 18.73 9.59
CA ASN B 5 29.01 18.45 10.70
C ASN B 5 27.61 18.83 10.27
N PRO B 6 26.94 17.94 9.52
CA PRO B 6 25.63 18.31 8.97
C PRO B 6 24.54 18.49 10.01
N ALA B 7 24.70 17.94 11.21
CA ALA B 7 23.68 18.15 12.24
C ALA B 7 23.78 19.53 12.86
N LEU B 8 24.99 20.09 12.93
CA LEU B 8 25.24 21.39 13.54
C LEU B 8 25.12 22.55 12.55
N GLU B 9 25.38 22.32 11.27
CA GLU B 9 25.57 23.38 10.29
C GLU B 9 24.75 23.08 9.05
N PHE B 10 23.77 23.94 8.76
CA PHE B 10 22.95 23.79 7.56
C PHE B 10 23.80 23.75 6.29
N ARG B 11 24.87 24.53 6.24
CA ARG B 11 25.68 24.51 5.02
C ARG B 11 26.53 23.26 4.90
N ASP B 12 26.92 22.67 6.03
CA ASP B 12 27.55 21.35 5.96
C ASP B 12 26.55 20.30 5.53
N PHE B 13 25.29 20.48 5.92
CA PHE B 13 24.21 19.59 5.47
C PHE B 13 24.08 19.62 3.96
N ILE B 14 24.12 20.81 3.37
CA ILE B 14 24.05 20.94 1.92
C ILE B 14 25.27 20.31 1.27
N GLN B 15 26.46 20.53 1.84
CA GLN B 15 27.68 19.94 1.27
C GLN B 15 27.61 18.41 1.25
N VAL B 16 27.11 17.79 2.33
CA VAL B 16 27.12 16.32 2.35
C VAL B 16 26.15 15.77 1.32
N LEU B 17 25.00 16.44 1.12
CA LEU B 17 24.11 15.99 0.05
C LEU B 17 24.78 16.10 -1.32
N LYS B 18 25.53 17.20 -1.53
CA LYS B 18 26.30 17.33 -2.77
C LYS B 18 27.33 16.22 -2.89
N ASP B 19 28.04 15.94 -1.80
CA ASP B 19 29.03 14.86 -1.80
C ASP B 19 28.40 13.51 -2.09
N GLU B 20 27.12 13.34 -1.73
CA GLU B 20 26.46 12.06 -1.93
C GLU B 20 25.65 12.03 -3.23
N ASP B 21 25.89 12.97 -4.14
CA ASP B 21 25.18 13.02 -5.44
C ASP B 21 23.67 13.11 -5.24
N ASP B 22 23.25 13.89 -4.25
CA ASP B 22 21.85 13.93 -3.80
C ASP B 22 21.30 15.35 -3.81
N LEU B 23 21.88 16.24 -4.60
CA LEU B 23 21.46 17.63 -4.65
C LEU B 23 21.69 18.15 -6.06
N ILE B 24 20.69 18.79 -6.65
CA ILE B 24 20.83 19.41 -7.96
C ILE B 24 20.80 20.92 -7.78
N GLU B 25 21.84 21.62 -8.23
CA GLU B 25 21.86 23.08 -8.20
C GLU B 25 21.21 23.56 -9.50
N ILE B 26 20.02 24.13 -9.38
CA ILE B 26 19.28 24.60 -10.54
C ILE B 26 19.64 26.07 -10.74
N THR B 27 20.35 26.36 -11.84
CA THR B 27 20.71 27.72 -12.20
C THR B 27 19.82 28.29 -13.30
N GLU B 28 18.96 27.46 -13.90
CA GLU B 28 17.88 28.02 -14.73
C GLU B 28 17.00 28.91 -13.85
N GLU B 29 16.42 29.94 -14.47
CA GLU B 29 15.47 30.78 -13.74
C GLU B 29 14.19 30.01 -13.45
N ILE B 30 13.78 29.96 -12.18
CA ILE B 30 12.59 29.24 -11.75
C ILE B 30 11.65 30.20 -11.06
N ASP B 31 10.36 30.07 -11.35
CA ASP B 31 9.35 30.97 -10.77
C ASP B 31 8.92 30.48 -9.39
N PRO B 32 9.06 31.30 -8.34
CA PRO B 32 8.47 30.94 -7.03
C PRO B 32 6.98 30.71 -7.08
N ASN B 33 6.31 31.28 -8.08
CA ASN B 33 4.88 31.04 -8.28
C ASN B 33 4.69 29.67 -8.93
N LEU B 34 4.24 28.69 -8.13
CA LEU B 34 3.92 27.30 -8.51
C LEU B 34 5.11 26.45 -9.00
N GLU B 35 6.06 27.03 -9.75
CA GLU B 35 7.09 26.20 -10.39
C GLU B 35 8.01 25.52 -9.38
N VAL B 36 8.44 26.26 -8.35
CA VAL B 36 9.22 25.65 -7.27
C VAL B 36 8.46 24.48 -6.67
N GLY B 37 7.17 24.69 -6.36
CA GLY B 37 6.39 23.62 -5.76
C GLY B 37 6.26 22.41 -6.66
N ALA B 38 5.96 22.63 -7.94
CA ALA B 38 5.84 21.53 -8.89
C ALA B 38 7.15 20.76 -9.02
N ILE B 39 8.27 21.47 -9.11
CA ILE B 39 9.56 20.80 -9.20
C ILE B 39 9.79 19.97 -7.93
N MET B 40 9.47 20.52 -6.75
CA MET B 40 9.71 19.68 -5.59
C MET B 40 8.77 18.50 -5.54
N ARG B 41 7.51 18.64 -5.97
CA ARG B 41 6.64 17.48 -5.95
C ARG B 41 7.19 16.37 -6.85
N LYS B 42 7.65 16.72 -8.06
CA LYS B 42 8.24 15.70 -8.93
C LYS B 42 9.38 14.96 -8.24
N ALA B 43 10.26 15.71 -7.55
CA ALA B 43 11.40 15.11 -6.88
C ALA B 43 10.98 14.21 -5.71
N TYR B 44 10.12 14.72 -4.82
CA TYR B 44 9.63 13.90 -3.70
C TYR B 44 9.12 12.56 -4.21
N GLU B 45 8.26 12.60 -5.21
CA GLU B 45 7.44 11.45 -5.56
C GLU B 45 8.20 10.37 -6.31
N SER B 46 9.36 10.68 -6.87
CA SER B 46 10.23 9.64 -7.42
C SER B 46 11.52 9.49 -6.60
N HIS B 47 11.57 10.05 -5.38
CA HIS B 47 12.72 9.91 -4.48
C HIS B 47 14.01 10.34 -5.17
N LEU B 48 14.00 11.54 -5.74
CA LEU B 48 15.09 12.08 -6.55
C LEU B 48 15.89 13.06 -5.72
N PRO B 49 17.09 13.44 -6.20
CA PRO B 49 17.90 14.45 -5.48
C PRO B 49 17.14 15.73 -5.13
N ALA B 50 17.55 16.36 -4.02
CA ALA B 50 16.95 17.61 -3.57
C ALA B 50 17.28 18.77 -4.53
N PRO B 51 16.29 19.59 -4.89
CA PRO B 51 16.57 20.77 -5.72
C PRO B 51 17.03 21.94 -4.87
N LEU B 52 18.14 22.54 -5.26
CA LEU B 52 18.58 23.80 -4.69
C LEU B 52 18.40 24.84 -5.78
N PHE B 53 17.36 25.68 -5.64
CA PHE B 53 17.06 26.70 -6.64
C PHE B 53 17.97 27.90 -6.38
N LYS B 54 18.93 28.14 -7.27
CA LYS B 54 19.89 29.23 -7.14
C LYS B 54 19.52 30.48 -7.92
N ASN B 55 18.44 30.44 -8.71
CA ASN B 55 18.10 31.54 -9.62
C ASN B 55 16.59 31.71 -9.64
N LEU B 56 16.04 32.16 -8.52
CA LEU B 56 14.60 32.38 -8.43
C LEU B 56 14.25 33.71 -9.08
N LYS B 57 13.18 33.71 -9.88
CA LYS B 57 12.65 34.94 -10.44
C LYS B 57 12.34 35.93 -9.32
N GLY B 58 12.94 37.12 -9.39
CA GLY B 58 12.70 38.17 -8.42
C GLY B 58 13.66 38.22 -7.25
N ALA B 59 14.53 37.22 -7.10
CA ALA B 59 15.45 37.21 -5.97
C ALA B 59 16.55 38.26 -6.13
N SER B 60 17.13 38.67 -5.01
CA SER B 60 18.34 39.46 -4.99
C SER B 60 19.54 38.53 -4.78
N LYS B 61 20.75 39.10 -4.81
CA LYS B 61 21.94 38.27 -4.65
C LYS B 61 21.87 37.44 -3.37
N ASP B 62 21.42 38.05 -2.28
CA ASP B 62 21.40 37.36 -1.01
C ASP B 62 20.05 36.80 -0.61
N LEU B 63 18.95 37.29 -1.18
CA LEU B 63 17.61 36.94 -0.72
C LEU B 63 16.73 36.51 -1.89
N PHE B 64 16.61 35.20 -2.11
CA PHE B 64 17.33 34.10 -1.45
C PHE B 64 17.30 32.91 -2.42
N SER B 65 18.10 31.90 -2.12
CA SER B 65 17.93 30.59 -2.73
C SER B 65 16.87 29.82 -1.95
N ILE B 66 16.43 28.69 -2.53
CA ILE B 66 15.51 27.78 -1.85
C ILE B 66 16.09 26.38 -1.94
N LEU B 67 16.18 25.70 -0.79
CA LEU B 67 16.46 24.27 -0.77
C LEU B 67 15.13 23.55 -0.60
N GLY B 68 14.73 22.78 -1.62
CA GLY B 68 13.53 21.96 -1.49
C GLY B 68 13.83 20.55 -1.00
N CYS B 69 12.81 19.90 -0.41
CA CYS B 69 12.87 18.50 -0.01
C CYS B 69 14.01 18.20 0.98
N PRO B 70 14.22 19.03 2.01
CA PRO B 70 15.34 18.78 2.92
C PRO B 70 15.25 17.44 3.66
N ALA B 71 14.07 16.85 3.80
CA ALA B 71 14.01 15.50 4.35
C ALA B 71 13.18 14.56 3.47
N GLY B 72 13.23 14.75 2.16
CA GLY B 72 12.63 13.77 1.26
C GLY B 72 13.42 12.48 1.23
N LEU B 73 12.83 11.44 0.63
CA LEU B 73 13.50 10.15 0.50
C LEU B 73 14.36 10.14 -0.77
N ARG B 74 15.35 9.25 -0.79
CA ARG B 74 16.21 9.10 -1.97
C ARG B 74 16.41 7.61 -2.23
N SER B 75 17.24 7.31 -3.21
CA SER B 75 17.43 5.92 -3.64
C SER B 75 17.99 5.03 -2.52
N LYS B 76 17.59 3.76 -2.54
CA LYS B 76 18.00 2.84 -1.47
C LYS B 76 19.52 2.64 -1.43
N GLU B 77 20.16 2.59 -2.60
CA GLU B 77 21.61 2.40 -2.58
C GLU B 77 22.35 3.57 -1.96
N LYS B 78 21.76 4.77 -1.93
CA LYS B 78 22.37 5.89 -1.23
C LYS B 78 22.05 5.91 0.26
N GLY B 79 21.15 5.04 0.72
CA GLY B 79 20.57 5.13 2.04
C GLY B 79 19.31 5.98 1.91
N ASP B 80 18.15 5.32 1.85
CA ASP B 80 16.96 6.06 1.43
C ASP B 80 16.54 7.11 2.45
N HIS B 81 16.90 6.93 3.72
CA HIS B 81 16.63 7.95 4.73
C HIS B 81 17.85 8.79 5.05
N GLY B 82 18.83 8.86 4.12
CA GLY B 82 20.06 9.61 4.40
C GLY B 82 19.84 11.06 4.80
N ARG B 83 18.87 11.75 4.16
CA ARG B 83 18.67 13.15 4.50
C ARG B 83 18.24 13.32 5.95
N ILE B 84 17.41 12.40 6.45
CA ILE B 84 17.00 12.44 7.85
C ILE B 84 18.18 12.08 8.75
N ALA B 85 18.94 11.04 8.37
CA ALA B 85 20.12 10.66 9.13
C ALA B 85 21.08 11.84 9.29
N HIS B 86 21.23 12.66 8.24
CA HIS B 86 22.19 13.77 8.28
C HIS B 86 21.73 14.88 9.23
N HIS B 87 20.41 15.02 9.43
CA HIS B 87 19.91 15.98 10.43
C HIS B 87 20.44 15.64 11.82
N LEU B 88 20.78 14.38 12.06
CA LEU B 88 21.25 13.93 13.37
C LEU B 88 22.74 13.59 13.39
N GLY B 89 23.42 13.73 12.27
CA GLY B 89 24.84 13.39 12.20
C GLY B 89 25.14 11.92 12.09
N LEU B 90 24.17 11.13 11.67
CA LEU B 90 24.33 9.68 11.57
C LEU B 90 24.76 9.28 10.16
N ASP B 91 25.25 8.04 10.05
CA ASP B 91 25.71 7.53 8.76
C ASP B 91 24.57 7.60 7.75
N PRO B 92 24.84 7.92 6.48
CA PRO B 92 23.74 8.06 5.50
C PRO B 92 22.93 6.80 5.27
N LYS B 93 23.47 5.61 5.55
CA LYS B 93 22.70 4.39 5.37
C LYS B 93 21.98 3.94 6.65
N THR B 94 21.96 4.78 7.67
CA THR B 94 21.22 4.49 8.89
C THR B 94 19.75 4.21 8.59
N THR B 95 19.21 3.15 9.16
CA THR B 95 17.79 2.85 8.97
C THR B 95 16.90 3.77 9.81
N ILE B 96 15.60 3.81 9.46
CA ILE B 96 14.70 4.65 10.24
C ILE B 96 14.57 4.14 11.67
N LYS B 97 14.59 2.82 11.88
CA LYS B 97 14.59 2.31 13.26
C LYS B 97 15.80 2.83 14.04
N GLU B 98 16.99 2.81 13.42
CA GLU B 98 18.17 3.31 14.12
C GLU B 98 18.08 4.81 14.39
N ILE B 99 17.50 5.58 13.46
CA ILE B 99 17.27 7.00 13.69
C ILE B 99 16.38 7.20 14.90
N ILE B 100 15.26 6.48 14.94
CA ILE B 100 14.34 6.62 16.07
C ILE B 100 15.02 6.24 17.37
N ASP B 101 15.74 5.11 17.38
CA ASP B 101 16.35 4.66 18.63
C ASP B 101 17.46 5.60 19.09
N TYR B 102 18.18 6.22 18.16
CA TYR B 102 19.14 7.25 18.54
C TYR B 102 18.46 8.43 19.22
N LEU B 103 17.35 8.92 18.67
CA LEU B 103 16.60 10.01 19.32
C LEU B 103 16.19 9.63 20.73
N LEU B 104 15.73 8.39 20.90
CA LEU B 104 15.33 7.91 22.22
C LEU B 104 16.52 7.84 23.19
N GLU B 105 17.66 7.34 22.73
CA GLU B 105 18.82 7.28 23.61
C GLU B 105 19.25 8.68 24.02
N CYS B 106 19.11 9.67 23.14
CA CYS B 106 19.56 11.01 23.47
C CYS B 106 18.71 11.66 24.56
N LYS B 107 17.48 11.18 24.77
CA LYS B 107 16.67 11.66 25.88
C LYS B 107 17.27 11.29 27.24
N GLU B 108 18.10 10.26 27.28
CA GLU B 108 18.68 9.81 28.54
C GLU B 108 20.06 10.40 28.75
N LYS B 109 20.48 11.32 27.89
CA LYS B 109 21.78 11.97 27.96
C LYS B 109 21.63 13.32 28.66
N GLU B 110 22.73 13.78 29.25
CA GLU B 110 22.77 15.11 29.86
C GLU B 110 22.38 16.18 28.84
N PRO B 111 21.29 16.93 29.07
CA PRO B 111 20.99 18.07 28.21
C PRO B 111 22.09 19.12 28.25
N LEU B 112 22.35 19.74 27.10
CA LEU B 112 23.43 20.72 26.98
C LEU B 112 22.86 22.05 26.54
N PRO B 113 22.88 23.06 27.40
CA PRO B 113 22.27 24.38 27.09
C PRO B 113 23.04 25.12 26.02
N PRO B 114 22.42 26.11 25.37
CA PRO B 114 23.11 26.84 24.31
C PRO B 114 24.26 27.66 24.86
N ILE B 115 25.19 28.03 23.97
CA ILE B 115 26.32 28.87 24.31
C ILE B 115 26.26 30.13 23.45
N THR B 116 26.31 31.29 24.08
CA THR B 116 26.29 32.55 23.35
C THR B 116 27.66 32.79 22.74
N VAL B 117 27.69 33.12 21.46
CA VAL B 117 28.93 33.35 20.74
C VAL B 117 28.96 34.82 20.34
N PRO B 118 30.11 35.40 20.00
CA PRO B 118 30.13 36.81 19.60
C PRO B 118 29.52 37.01 18.22
N VAL B 119 28.92 38.20 18.05
CA VAL B 119 28.16 38.51 16.85
C VAL B 119 29.06 38.43 15.61
N SER B 120 30.33 38.80 15.76
CA SER B 120 31.28 38.73 14.66
C SER B 120 31.48 37.30 14.14
N SER B 121 31.23 36.30 14.97
CA SER B 121 31.34 34.91 14.54
C SER B 121 29.97 34.28 14.22
N ALA B 122 28.94 35.10 14.06
CA ALA B 122 27.61 34.57 13.76
C ALA B 122 27.27 34.86 12.30
N PRO B 123 27.36 33.88 11.41
CA PRO B 123 26.95 34.09 10.02
C PRO B 123 25.59 34.76 9.86
N CYS B 124 24.64 34.51 10.75
CA CYS B 124 23.30 35.08 10.59
C CYS B 124 23.27 36.59 10.80
N LYS B 125 24.34 37.17 11.33
CA LYS B 125 24.42 38.61 11.50
C LYS B 125 25.19 39.29 10.38
N THR B 126 25.49 38.58 9.30
CA THR B 126 26.32 39.16 8.24
C THR B 126 25.65 40.37 7.61
N HIS B 127 24.33 40.32 7.42
CA HIS B 127 23.56 41.44 6.90
C HIS B 127 22.43 41.72 7.86
N ILE B 128 22.18 42.98 8.15
CA ILE B 128 21.12 43.33 9.09
C ILE B 128 20.24 44.40 8.46
N LEU B 129 18.93 44.15 8.46
CA LEU B 129 17.93 45.08 7.93
C LEU B 129 17.12 45.59 9.11
N SER B 130 17.08 46.90 9.29
CA SER B 130 16.29 47.46 10.36
C SER B 130 14.87 47.78 9.87
N GLU B 131 14.08 48.36 10.78
CA GLU B 131 12.65 48.63 10.55
C GLU B 131 12.39 49.28 9.19
N GLU B 132 13.22 50.25 8.81
CA GLU B 132 12.95 51.01 7.60
C GLU B 132 13.31 50.26 6.32
N LYS B 133 13.84 49.03 6.41
CA LYS B 133 14.19 48.27 5.22
C LYS B 133 13.45 46.95 5.12
N ILE B 134 12.37 46.77 5.89
CA ILE B 134 11.59 45.54 5.84
C ILE B 134 10.58 45.66 4.71
N HIS B 135 10.74 44.81 3.69
CA HIS B 135 9.82 44.76 2.56
C HIS B 135 9.62 43.30 2.19
N LEU B 136 8.67 42.63 2.86
CA LEU B 136 8.49 41.19 2.68
C LEU B 136 8.01 40.86 1.27
N GLN B 137 7.27 41.76 0.63
CA GLN B 137 6.77 41.50 -0.72
C GLN B 137 7.86 41.45 -1.77
N SER B 138 9.04 41.99 -1.50
CA SER B 138 10.13 41.89 -2.46
C SER B 138 10.85 40.54 -2.40
N LEU B 139 10.56 39.69 -1.41
CA LEU B 139 11.22 38.39 -1.31
C LEU B 139 10.58 37.39 -2.29
N PRO B 140 11.36 36.49 -2.85
CA PRO B 140 10.84 35.44 -3.75
C PRO B 140 10.21 34.26 -3.01
N THR B 141 9.30 34.57 -2.09
CA THR B 141 8.54 33.58 -1.32
C THR B 141 7.69 32.73 -2.27
N PRO B 142 7.68 31.40 -2.10
CA PRO B 142 6.94 30.55 -3.04
C PRO B 142 5.43 30.54 -2.81
N TYR B 143 4.71 30.39 -3.92
CA TYR B 143 3.30 30.03 -3.92
C TYR B 143 3.27 28.55 -4.26
N LEU B 144 3.12 27.72 -3.24
CA LEU B 144 3.51 26.31 -3.34
C LEU B 144 2.45 25.41 -3.95
N HIS B 145 1.18 25.61 -3.64
CA HIS B 145 0.11 24.77 -4.18
C HIS B 145 -0.92 25.64 -4.88
N VAL B 146 -1.58 25.05 -5.88
CA VAL B 146 -2.76 25.68 -6.45
C VAL B 146 -3.78 25.93 -5.35
N SER B 147 -4.39 27.12 -5.38
CA SER B 147 -5.41 27.58 -4.43
C SER B 147 -4.93 27.72 -2.99
N ASP B 148 -3.63 27.75 -2.73
CA ASP B 148 -3.16 28.17 -1.41
C ASP B 148 -3.67 29.59 -1.11
N GLY B 149 -3.81 29.91 0.19
CA GLY B 149 -4.34 31.21 0.57
C GLY B 149 -3.36 32.35 0.37
N GLY B 150 -2.08 32.02 0.18
CA GLY B 150 -1.06 33.04 0.01
C GLY B 150 0.29 32.38 -0.14
N LYS B 151 1.33 33.20 -0.20
CA LYS B 151 2.70 32.69 -0.29
C LYS B 151 3.17 32.30 1.10
N TYR B 152 3.67 31.08 1.24
CA TYR B 152 4.07 30.56 2.55
C TYR B 152 5.59 30.67 2.68
N LEU B 153 6.04 31.63 3.50
CA LEU B 153 7.46 31.77 3.80
C LEU B 153 7.94 30.69 4.78
N GLN B 154 7.10 30.32 5.71
CA GLN B 154 7.48 29.46 6.83
C GLN B 154 6.86 28.07 6.61
N THR B 155 7.65 27.18 6.01
CA THR B 155 7.33 25.75 5.93
C THR B 155 8.44 24.87 6.46
N TYR B 156 9.64 25.40 6.67
CA TYR B 156 10.69 24.57 7.24
C TYR B 156 11.62 25.39 8.11
N GLY B 157 11.07 26.40 8.80
CA GLY B 157 11.81 27.15 9.78
C GLY B 157 11.25 26.94 11.17
N MET B 158 11.76 27.77 12.08
CA MET B 158 11.63 27.59 13.53
C MET B 158 11.14 28.90 14.14
N TRP B 159 9.94 28.90 14.72
CA TRP B 159 9.50 30.01 15.55
C TRP B 159 10.13 29.88 16.94
N ILE B 160 10.52 31.02 17.53
CA ILE B 160 11.03 31.07 18.89
C ILE B 160 10.17 32.05 19.68
N LEU B 161 9.59 31.59 20.78
CA LEU B 161 8.79 32.42 21.69
C LEU B 161 9.26 32.16 23.12
N GLN B 162 9.04 33.13 24.01
CA GLN B 162 9.56 33.05 25.37
C GLN B 162 8.75 33.98 26.27
N THR B 163 8.58 33.58 27.55
CA THR B 163 7.98 34.47 28.52
C THR B 163 9.01 35.51 28.97
N PRO B 164 8.57 36.64 29.54
CA PRO B 164 9.56 37.61 30.03
C PRO B 164 10.47 37.03 31.10
N ASP B 165 9.96 36.08 31.90
CA ASP B 165 10.75 35.34 32.87
C ASP B 165 12.00 34.73 32.25
N LYS B 166 11.92 34.39 30.96
CA LYS B 166 12.85 33.50 30.29
C LYS B 166 12.74 32.08 30.86
N LYS B 167 11.66 31.79 31.59
CA LYS B 167 11.40 30.50 32.21
C LYS B 167 10.70 29.52 31.27
N TRP B 168 9.90 30.02 30.34
CA TRP B 168 9.23 29.21 29.33
C TRP B 168 9.84 29.60 27.98
N THR B 169 10.41 28.63 27.27
CA THR B 169 10.92 28.85 25.93
C THR B 169 10.35 27.79 25.00
N ASN B 170 10.05 28.18 23.76
CA ASN B 170 9.39 27.29 22.81
C ASN B 170 9.98 27.49 21.42
N TRP B 171 10.37 26.37 20.80
CA TRP B 171 10.81 26.28 19.41
C TRP B 171 9.78 25.44 18.67
N SER B 172 9.12 26.02 17.65
CA SER B 172 7.97 25.33 17.03
C SER B 172 7.89 25.60 15.52
N ILE B 173 6.92 24.97 14.85
CA ILE B 173 6.96 24.86 13.38
C ILE B 173 5.63 25.15 12.67
N ALA B 174 4.76 25.95 13.26
CA ALA B 174 3.49 26.26 12.61
C ALA B 174 3.74 26.93 11.24
N ARG B 175 2.81 26.70 10.32
CA ARG B 175 2.89 27.29 8.98
C ARG B 175 2.81 28.81 9.09
N GLY B 176 3.56 29.50 8.22
CA GLY B 176 3.53 30.95 8.20
C GLY B 176 3.32 31.54 6.83
N MET B 177 2.22 32.29 6.66
CA MET B 177 1.82 32.97 5.42
C MET B 177 2.23 34.43 5.42
N VAL B 178 2.76 34.89 4.29
CA VAL B 178 3.00 36.32 4.14
C VAL B 178 1.66 37.02 3.91
N VAL B 179 1.42 38.09 4.67
CA VAL B 179 0.20 38.88 4.57
C VAL B 179 0.41 40.11 3.70
N ASP B 180 1.43 40.89 4.00
CA ASP B 180 1.71 42.10 3.23
C ASP B 180 3.18 42.42 3.40
N ASP B 181 3.55 43.68 3.13
CA ASP B 181 4.96 44.05 3.16
C ASP B 181 5.58 43.95 4.53
N LYS B 182 4.78 43.91 5.60
CA LYS B 182 5.34 43.93 6.94
C LYS B 182 4.84 42.81 7.85
N HIS B 183 3.88 41.98 7.43
CA HIS B 183 3.23 41.07 8.34
C HIS B 183 3.23 39.64 7.79
N ILE B 184 3.21 38.69 8.73
CA ILE B 184 3.06 37.27 8.49
C ILE B 184 1.95 36.80 9.42
N THR B 185 1.34 35.67 9.10
CA THR B 185 0.33 35.14 10.01
C THR B 185 0.43 33.63 10.08
N GLY B 186 0.08 33.09 11.24
CA GLY B 186 0.08 31.66 11.48
C GLY B 186 -0.40 31.40 12.90
N LEU B 187 -0.62 30.11 13.19
CA LEU B 187 -1.17 29.69 14.48
C LEU B 187 -0.05 29.11 15.34
N VAL B 188 0.84 30.01 15.79
CA VAL B 188 2.07 29.58 16.44
C VAL B 188 1.83 29.13 17.88
N ILE B 189 0.99 29.86 18.62
CA ILE B 189 0.70 29.56 20.02
C ILE B 189 -0.46 28.57 20.07
N LYS B 190 -0.27 27.49 20.83
CA LYS B 190 -1.28 26.46 21.02
C LYS B 190 -2.31 26.93 22.05
N PRO B 191 -3.55 26.42 21.99
CA PRO B 191 -4.56 26.81 22.98
C PRO B 191 -4.20 26.50 24.43
N GLN B 192 -3.20 25.65 24.67
CA GLN B 192 -2.76 25.35 26.03
C GLN B 192 -1.76 26.36 26.58
N HIS B 193 -1.14 27.17 25.72
CA HIS B 193 -0.19 28.18 26.15
C HIS B 193 -0.69 29.61 26.00
N ILE B 194 -1.83 29.81 25.33
CA ILE B 194 -2.23 31.16 24.90
C ILE B 194 -2.34 32.09 26.10
N ARG B 195 -2.83 31.58 27.24
CA ARG B 195 -3.10 32.42 28.39
C ARG B 195 -1.80 32.83 29.10
N GLN B 196 -0.92 31.87 29.37
CA GLN B 196 0.31 32.17 30.10
C GLN B 196 1.20 33.15 29.34
N ILE B 197 1.24 33.06 28.01
CA ILE B 197 2.07 33.98 27.25
C ILE B 197 1.40 35.35 27.13
N ALA B 198 0.12 35.38 26.74
CA ALA B 198 -0.61 36.63 26.72
C ALA B 198 -0.45 37.38 28.03
N ASP B 199 -0.92 36.76 29.11
CA ASP B 199 -1.00 37.45 30.40
C ASP B 199 0.37 37.81 30.95
N SER B 200 1.39 37.01 30.64
CA SER B 200 2.73 37.31 31.15
C SER B 200 3.35 38.51 30.44
N TRP B 201 3.15 38.62 29.12
CA TRP B 201 3.58 39.82 28.42
C TRP B 201 2.65 40.99 28.68
N ALA B 202 1.34 40.73 28.84
CA ALA B 202 0.42 41.78 29.24
C ALA B 202 0.79 42.37 30.59
N ALA B 203 1.26 41.52 31.53
CA ALA B 203 1.63 41.96 32.87
C ALA B 203 2.79 42.94 32.90
N ILE B 204 3.23 43.46 31.76
CA ILE B 204 4.20 44.54 31.71
C ILE B 204 3.79 45.47 30.56
N GLY B 205 2.49 45.51 30.28
CA GLY B 205 1.92 46.39 29.28
C GLY B 205 2.37 46.09 27.87
N LYS B 206 2.30 44.82 27.46
CA LYS B 206 2.77 44.38 26.16
C LYS B 206 1.86 43.30 25.60
N ALA B 207 0.55 43.46 25.81
CA ALA B 207 -0.42 42.44 25.41
C ALA B 207 -0.38 42.19 23.90
N ASN B 208 -0.21 43.25 23.11
CA ASN B 208 -0.20 43.17 21.65
C ASN B 208 1.20 43.23 21.08
N GLU B 209 2.22 43.00 21.90
CA GLU B 209 3.62 43.17 21.48
C GLU B 209 4.47 42.04 22.02
N ILE B 210 4.08 40.81 21.72
CA ILE B 210 4.85 39.64 22.16
C ILE B 210 6.03 39.47 21.21
N PRO B 211 7.28 39.50 21.72
CA PRO B 211 8.44 39.29 20.85
C PRO B 211 8.43 37.89 20.24
N PHE B 212 8.87 37.81 18.99
CA PHE B 212 9.07 36.52 18.34
C PHE B 212 10.31 36.61 17.48
N ALA B 213 10.88 35.44 17.18
CA ALA B 213 11.84 35.30 16.12
C ALA B 213 11.43 34.09 15.29
N LEU B 214 11.80 34.14 14.02
CA LEU B 214 11.50 33.09 13.05
C LEU B 214 12.80 32.83 12.29
N CYS B 215 13.35 31.63 12.43
CA CYS B 215 14.68 31.34 11.90
C CYS B 215 14.65 30.27 10.81
N PHE B 216 15.44 30.48 9.76
CA PHE B 216 15.52 29.55 8.65
C PHE B 216 16.95 29.08 8.47
N GLY B 217 17.09 27.83 8.05
CA GLY B 217 18.43 27.31 7.87
C GLY B 217 19.15 27.14 9.19
N VAL B 218 18.40 26.86 10.25
CA VAL B 218 18.94 26.56 11.58
C VAL B 218 19.74 25.26 11.51
N PRO B 219 20.57 24.96 12.50
CA PRO B 219 21.20 23.64 12.57
C PRO B 219 20.15 22.57 12.35
N PRO B 220 20.39 21.63 11.43
CA PRO B 220 19.36 20.63 11.14
C PRO B 220 18.87 19.84 12.36
N ALA B 221 19.70 19.61 13.37
CA ALA B 221 19.15 18.94 14.55
C ALA B 221 18.08 19.77 15.23
N ALA B 222 18.20 21.11 15.14
CA ALA B 222 17.19 21.95 15.79
C ALA B 222 15.86 21.94 15.04
N ILE B 223 15.87 21.96 13.71
CA ILE B 223 14.58 21.92 13.01
C ILE B 223 13.91 20.57 13.26
N LEU B 224 14.71 19.50 13.42
CA LEU B 224 14.13 18.20 13.73
C LEU B 224 13.45 18.21 15.09
N VAL B 225 14.16 18.69 16.12
CA VAL B 225 13.59 18.74 17.46
C VAL B 225 12.38 19.67 17.48
N SER B 226 12.45 20.77 16.73
CA SER B 226 11.30 21.67 16.68
C SER B 226 10.07 21.00 16.10
N SER B 227 10.24 19.94 15.31
CA SER B 227 9.13 19.23 14.70
C SER B 227 8.64 18.05 15.53
N MET B 228 9.19 17.84 16.69
CA MET B 228 9.00 16.67 17.55
C MET B 228 8.05 16.99 18.69
N PRO B 229 7.05 16.16 18.98
CA PRO B 229 6.11 16.47 20.08
C PRO B 229 6.66 16.02 21.43
N ILE B 230 7.76 16.64 21.85
CA ILE B 230 8.47 16.27 23.08
C ILE B 230 7.62 16.69 24.27
N PRO B 231 7.82 16.11 25.47
CA PRO B 231 6.92 16.41 26.60
C PRO B 231 6.94 17.89 26.96
N GLU B 232 5.81 18.34 27.49
CA GLU B 232 5.75 19.69 28.03
C GLU B 232 6.79 19.85 29.14
N GLY B 233 7.48 20.98 29.13
CA GLY B 233 8.51 21.24 30.12
C GLY B 233 9.92 20.92 29.66
N VAL B 234 10.08 20.17 28.58
CA VAL B 234 11.41 19.86 28.06
C VAL B 234 11.92 21.00 27.20
N SER B 235 13.16 21.42 27.45
CA SER B 235 13.80 22.46 26.66
C SER B 235 14.22 21.89 25.31
N GLU B 236 13.73 22.49 24.22
CA GLU B 236 14.12 22.02 22.89
C GLU B 236 15.61 22.23 22.64
N SER B 237 16.13 23.41 23.02
CA SER B 237 17.53 23.72 22.78
C SER B 237 18.46 22.76 23.52
N ASP B 238 18.10 22.41 24.76
CA ASP B 238 19.01 21.56 25.53
C ASP B 238 18.99 20.12 25.02
N TYR B 239 17.86 19.67 24.50
CA TYR B 239 17.80 18.36 23.83
C TYR B 239 18.59 18.36 22.54
N VAL B 240 18.47 19.43 21.74
CA VAL B 240 19.34 19.59 20.58
C VAL B 240 20.80 19.46 20.99
N GLY B 241 21.17 20.05 22.13
CA GLY B 241 22.55 19.96 22.59
C GLY B 241 22.96 18.52 22.88
N ALA B 242 22.08 17.76 23.54
CA ALA B 242 22.38 16.35 23.78
C ALA B 242 22.52 15.59 22.47
N ILE B 243 21.65 15.89 21.50
CA ILE B 243 21.76 15.23 20.20
C ILE B 243 23.07 15.56 19.51
N LEU B 244 23.49 16.83 19.57
CA LEU B 244 24.74 17.26 18.92
C LEU B 244 25.98 16.83 19.68
N GLY B 245 25.87 16.55 20.97
CA GLY B 245 27.03 16.41 21.81
C GLY B 245 27.73 17.71 22.14
N GLU B 246 27.09 18.85 21.88
CA GLU B 246 27.67 20.15 22.21
C GLU B 246 26.56 21.19 22.19
N SER B 247 26.82 22.30 22.90
CA SER B 247 25.88 23.40 22.95
C SER B 247 25.62 24.00 21.59
N VAL B 248 24.37 24.38 21.35
CA VAL B 248 24.04 25.16 20.16
C VAL B 248 24.59 26.57 20.32
N PRO B 249 25.36 27.09 19.36
CA PRO B 249 25.81 28.49 19.42
C PRO B 249 24.66 29.43 19.07
N VAL B 250 24.45 30.44 19.91
CA VAL B 250 23.33 31.37 19.74
C VAL B 250 23.84 32.81 19.86
N VAL B 251 23.05 33.73 19.29
CA VAL B 251 23.27 35.17 19.44
C VAL B 251 21.93 35.82 19.73
N LYS B 252 21.97 37.02 20.33
CA LYS B 252 20.75 37.73 20.66
C LYS B 252 20.21 38.49 19.44
N CYS B 253 18.89 38.61 19.37
CA CYS B 253 18.22 39.40 18.35
C CYS B 253 18.58 40.89 18.48
N GLU B 254 18.32 41.64 17.41
CA GLU B 254 18.58 43.08 17.38
C GLU B 254 17.56 43.85 18.21
N THR B 255 16.28 43.46 18.13
CA THR B 255 15.20 44.27 18.66
C THR B 255 14.48 43.62 19.82
N ASN B 256 14.92 42.44 20.27
CA ASN B 256 14.39 41.81 21.47
C ASN B 256 15.48 40.94 22.06
N ASP B 257 15.18 40.26 23.16
CA ASP B 257 16.23 39.53 23.86
C ASP B 257 16.17 38.03 23.60
N LEU B 258 15.44 37.60 22.57
CA LEU B 258 15.43 36.20 22.19
C LEU B 258 16.79 35.82 21.63
N MET B 259 17.21 34.58 21.90
CA MET B 259 18.46 34.05 21.37
C MET B 259 18.16 33.13 20.18
N VAL B 260 18.89 33.31 19.09
CA VAL B 260 18.64 32.57 17.86
C VAL B 260 19.92 31.82 17.47
N PRO B 261 19.81 30.70 16.74
CA PRO B 261 21.03 30.00 16.29
C PRO B 261 21.93 30.90 15.47
N ALA B 262 23.20 30.96 15.86
CA ALA B 262 24.15 31.85 15.23
C ALA B 262 24.38 31.53 13.76
N THR B 263 24.22 30.27 13.35
CA THR B 263 24.45 29.92 11.96
C THR B 263 23.16 29.86 11.14
N SER B 264 22.09 30.46 11.62
CA SER B 264 20.86 30.55 10.83
C SER B 264 21.14 31.25 9.50
N GLU B 265 20.47 30.78 8.43
CA GLU B 265 20.56 31.45 7.14
C GLU B 265 19.89 32.82 7.17
N MET B 266 18.75 32.91 7.86
CA MET B 266 17.95 34.13 7.91
C MET B 266 17.23 34.13 9.24
N VAL B 267 17.11 35.31 9.83
CA VAL B 267 16.37 35.50 11.07
C VAL B 267 15.39 36.65 10.84
N PHE B 268 14.11 36.39 11.10
CA PHE B 268 13.07 37.41 11.09
C PHE B 268 12.65 37.67 12.53
N GLU B 269 12.59 38.94 12.93
CA GLU B 269 12.19 39.24 14.30
C GLU B 269 11.12 40.33 14.33
N GLY B 270 10.37 40.34 15.42
CA GLY B 270 9.31 41.33 15.55
C GLY B 270 8.42 41.01 16.74
N THR B 271 7.14 41.40 16.62
CA THR B 271 6.18 41.21 17.70
C THR B 271 4.87 40.69 17.15
N LEU B 272 4.17 39.96 18.00
CA LEU B 272 2.87 39.36 17.73
C LEU B 272 1.78 40.18 18.42
N SER B 273 0.63 40.32 17.76
CA SER B 273 -0.55 40.90 18.39
C SER B 273 -1.66 39.87 18.36
N LEU B 274 -2.32 39.68 19.50
CA LEU B 274 -3.40 38.72 19.59
C LEU B 274 -4.73 39.32 19.18
N THR B 275 -4.89 40.63 19.38
CA THR B 275 -6.14 41.28 19.00
C THR B 275 -6.21 41.57 17.51
N ASP B 276 -5.07 41.72 16.84
CA ASP B 276 -5.03 41.96 15.41
C ASP B 276 -4.86 40.63 14.69
N THR B 277 -5.82 40.27 13.84
CA THR B 277 -5.81 38.98 13.17
C THR B 277 -5.94 39.15 11.66
N HIS B 278 -5.70 38.05 10.96
CA HIS B 278 -5.84 37.98 9.51
C HIS B 278 -6.23 36.56 9.17
N LEU B 279 -6.93 36.40 8.05
CA LEU B 279 -7.23 35.04 7.60
C LEU B 279 -5.96 34.37 7.10
N GLU B 280 -5.78 33.11 7.48
CA GLU B 280 -4.65 32.30 7.07
C GLU B 280 -5.15 31.04 6.37
N GLY B 281 -4.39 30.58 5.38
CA GLY B 281 -4.75 29.39 4.68
C GLY B 281 -5.75 29.65 3.57
N PRO B 282 -6.19 28.58 2.88
CA PRO B 282 -5.80 27.17 3.08
C PRO B 282 -4.36 26.96 2.65
N PHE B 283 -3.80 25.81 3.05
CA PHE B 283 -2.46 25.39 2.64
C PHE B 283 -2.51 23.90 2.35
N GLY B 284 -1.98 23.49 1.20
CA GLY B 284 -1.81 22.09 0.89
C GLY B 284 -1.05 21.41 2.02
N GLU B 285 -1.61 20.33 2.58
CA GLU B 285 -1.10 19.82 3.84
C GLU B 285 -0.79 18.33 3.83
N MET B 286 -0.52 17.76 5.02
CA MET B 286 0.09 16.43 5.14
C MET B 286 -0.78 15.33 4.57
N HIS B 287 -2.08 15.57 4.41
CA HIS B 287 -2.99 14.52 3.97
C HIS B 287 -3.24 14.54 2.48
N GLY B 288 -2.65 15.48 1.75
CA GLY B 288 -2.69 15.46 0.31
C GLY B 288 -3.73 16.34 -0.34
N TYR B 289 -4.35 17.28 0.41
CA TYR B 289 -5.42 18.11 -0.12
C TYR B 289 -5.18 19.60 0.13
N VAL B 290 -5.62 20.43 -0.82
CA VAL B 290 -6.04 21.80 -0.54
C VAL B 290 -7.57 21.81 -0.59
N PHE B 291 -8.20 22.17 0.52
CA PHE B 291 -9.64 22.40 0.54
C PHE B 291 -9.86 23.90 0.38
N LYS B 292 -10.52 24.27 -0.72
CA LYS B 292 -10.57 25.66 -1.12
C LYS B 292 -11.36 26.52 -0.16
N SER B 293 -10.96 27.80 -0.12
CA SER B 293 -11.67 28.88 0.54
C SER B 293 -11.63 28.76 2.06
N GLN B 294 -11.25 27.59 2.58
CA GLN B 294 -11.10 27.43 4.02
C GLN B 294 -10.04 28.41 4.54
N GLY B 295 -10.49 29.51 5.14
CA GLY B 295 -9.60 30.46 5.76
C GLY B 295 -9.97 30.69 7.21
N HIS B 296 -8.99 30.73 8.09
CA HIS B 296 -9.29 30.89 9.50
C HIS B 296 -8.44 31.98 10.11
N PRO B 297 -8.98 32.71 11.09
CA PRO B 297 -8.26 33.88 11.62
C PRO B 297 -7.09 33.46 12.51
N CYS B 298 -5.95 34.12 12.30
CA CYS B 298 -4.74 33.89 13.05
C CYS B 298 -4.17 35.22 13.50
N PRO B 299 -3.44 35.25 14.62
CA PRO B 299 -2.82 36.51 15.03
C PRO B 299 -1.80 36.99 14.01
N LEU B 300 -1.56 38.29 14.05
CA LEU B 300 -0.75 39.01 13.08
C LEU B 300 0.65 39.23 13.64
N TYR B 301 1.66 38.88 12.85
CA TYR B 301 3.06 38.99 13.23
C TYR B 301 3.67 40.15 12.45
N THR B 302 4.22 41.14 13.16
CA THR B 302 4.89 42.27 12.52
C THR B 302 6.40 42.04 12.49
N VAL B 303 6.99 42.05 11.31
CA VAL B 303 8.43 41.90 11.19
C VAL B 303 9.06 43.27 11.36
N LYS B 304 9.97 43.39 12.34
CA LYS B 304 10.63 44.64 12.66
C LYS B 304 12.11 44.65 12.29
N ALA B 305 12.73 43.49 12.10
CA ALA B 305 14.13 43.44 11.71
C ALA B 305 14.39 42.09 11.05
N MET B 306 15.49 42.04 10.32
CA MET B 306 15.85 40.78 9.69
C MET B 306 17.36 40.75 9.60
N SER B 307 17.92 39.54 9.68
CA SER B 307 19.35 39.37 9.53
C SER B 307 19.56 38.09 8.72
N TYR B 308 20.64 38.06 7.93
CA TYR B 308 20.84 36.93 7.04
C TYR B 308 22.29 36.85 6.58
N ARG B 309 22.66 35.67 6.10
CA ARG B 309 23.98 35.37 5.55
C ARG B 309 24.08 35.86 4.11
N ASP B 310 25.33 35.92 3.60
CA ASP B 310 25.51 36.06 2.16
C ASP B 310 24.89 34.85 1.47
N ASN B 311 24.24 35.08 0.33
CA ASN B 311 23.68 33.99 -0.47
C ASN B 311 22.78 33.12 0.39
N ALA B 312 21.90 33.75 1.14
CA ALA B 312 21.07 33.02 2.08
C ALA B 312 20.19 32.00 1.36
N ILE B 313 19.82 30.94 2.09
CA ILE B 313 19.04 29.82 1.54
C ILE B 313 17.81 29.60 2.41
N LEU B 314 16.63 29.58 1.79
CA LEU B 314 15.39 29.27 2.49
C LEU B 314 15.07 27.80 2.29
N PRO B 315 15.13 26.97 3.33
CA PRO B 315 14.63 25.60 3.18
C PRO B 315 13.11 25.60 3.12
N VAL B 316 12.55 24.74 2.26
CA VAL B 316 11.12 24.72 1.99
C VAL B 316 10.61 23.28 2.02
N SER B 317 9.45 23.08 2.62
CA SER B 317 8.74 21.82 2.55
C SER B 317 7.41 22.06 1.85
N ASN B 318 7.05 21.20 0.90
CA ASN B 318 5.83 21.34 0.12
C ASN B 318 4.94 20.13 0.32
N PRO B 319 4.05 20.13 1.32
CA PRO B 319 3.35 18.91 1.70
C PRO B 319 2.29 18.47 0.70
N GLY B 320 2.00 17.18 0.71
CA GLY B 320 0.95 16.64 -0.14
C GLY B 320 0.84 15.13 -0.01
N LEU B 321 0.64 14.47 -1.13
CA LEU B 321 0.66 13.02 -1.15
C LEU B 321 2.03 12.54 -0.64
N CYS B 322 2.08 11.34 -0.05
CA CYS B 322 3.37 10.83 0.38
C CYS B 322 4.35 10.81 -0.80
N THR B 323 5.65 11.02 -0.51
CA THR B 323 6.32 11.15 0.77
C THR B 323 7.10 12.47 0.88
N ASP B 324 6.83 13.26 1.92
CA ASP B 324 7.54 14.51 2.15
C ASP B 324 7.82 14.64 3.64
N GLU B 325 8.26 15.82 4.06
CA GLU B 325 8.68 16.00 5.45
C GLU B 325 7.54 15.81 6.44
N THR B 326 6.28 16.06 6.04
CA THR B 326 5.21 15.83 7.00
C THR B 326 5.08 14.34 7.34
N HIS B 327 5.67 13.46 6.53
CA HIS B 327 5.64 12.03 6.76
C HIS B 327 6.95 11.51 7.34
N THR B 328 8.09 11.91 6.74
CA THR B 328 9.38 11.42 7.21
C THR B 328 9.79 12.10 8.51
N LEU B 329 9.37 13.34 8.75
CA LEU B 329 9.68 14.00 10.02
C LEU B 329 8.48 14.03 10.97
N ILE B 330 7.39 14.71 10.59
CA ILE B 330 6.25 14.80 11.51
C ILE B 330 5.76 13.42 11.90
N GLY B 331 5.52 12.56 10.91
CA GLY B 331 5.05 11.22 11.20
C GLY B 331 6.04 10.43 12.04
N SER B 332 7.31 10.39 11.64
CA SER B 332 8.27 9.54 12.34
C SER B 332 8.62 10.09 13.71
N LEU B 333 8.53 11.41 13.90
CA LEU B 333 8.80 11.94 15.23
C LEU B 333 7.63 11.69 16.18
N VAL B 334 6.39 11.65 15.67
CA VAL B 334 5.31 11.16 16.53
C VAL B 334 5.57 9.71 16.88
N ALA B 335 6.02 8.91 15.90
CA ALA B 335 6.33 7.51 16.16
C ALA B 335 7.41 7.36 17.22
N THR B 336 8.45 8.19 17.13
CA THR B 336 9.50 8.19 18.14
C THR B 336 8.92 8.39 19.53
N GLU B 337 8.09 9.43 19.70
CA GLU B 337 7.52 9.68 21.02
C GLU B 337 6.53 8.60 21.41
N ALA B 338 5.90 7.96 20.42
CA ALA B 338 5.02 6.83 20.70
C ALA B 338 5.80 5.65 21.27
N LYS B 339 6.99 5.39 20.76
CA LYS B 339 7.80 4.32 21.32
C LYS B 339 8.25 4.65 22.74
N GLU B 340 8.64 5.91 22.98
CA GLU B 340 9.03 6.35 24.33
C GLU B 340 7.88 6.16 25.32
N LEU B 341 6.67 6.53 24.93
CA LEU B 341 5.49 6.35 25.78
C LEU B 341 5.22 4.88 26.05
N ALA B 342 5.38 4.01 25.05
CA ALA B 342 5.26 2.57 25.28
C ALA B 342 6.25 2.10 26.34
N ILE B 343 7.49 2.56 26.24
CA ILE B 343 8.53 2.11 27.16
C ILE B 343 8.22 2.60 28.56
N GLU B 344 7.78 3.85 28.69
CA GLU B 344 7.50 4.43 29.99
C GLU B 344 6.26 3.83 30.62
N SER B 345 5.29 3.42 29.81
CA SER B 345 4.07 2.83 30.34
C SER B 345 4.17 1.31 30.53
N GLY B 346 5.31 0.71 30.20
CA GLY B 346 5.46 -0.73 30.36
C GLY B 346 4.74 -1.59 29.34
N LEU B 347 4.35 -1.04 28.21
CA LEU B 347 3.71 -1.82 27.16
C LEU B 347 4.74 -2.67 26.42
N PRO B 348 4.37 -3.88 25.97
CA PRO B 348 5.35 -4.76 25.29
C PRO B 348 5.50 -4.41 23.80
N ILE B 349 6.06 -3.24 23.54
CA ILE B 349 6.16 -2.70 22.18
C ILE B 349 7.62 -2.65 21.78
N LEU B 350 7.95 -3.28 20.65
CA LEU B 350 9.30 -3.28 20.11
C LEU B 350 9.61 -1.99 19.36
N ASP B 351 8.68 -1.55 18.51
CA ASP B 351 8.91 -0.40 17.64
C ASP B 351 7.56 0.21 17.26
N ALA B 352 7.61 1.49 16.88
CA ALA B 352 6.46 2.22 16.39
C ALA B 352 6.82 2.94 15.10
N PHE B 353 5.84 3.13 14.22
CA PHE B 353 6.09 3.79 12.95
C PHE B 353 4.77 4.29 12.39
N MET B 354 4.85 5.38 11.62
CA MET B 354 3.67 5.92 10.93
C MET B 354 3.91 5.76 9.43
N PRO B 355 3.36 4.72 8.80
CA PRO B 355 3.64 4.51 7.36
C PRO B 355 3.34 5.74 6.53
N TYR B 356 4.27 6.07 5.64
CA TYR B 356 4.11 7.27 4.82
C TYR B 356 2.90 7.15 3.92
N GLU B 357 2.61 5.93 3.45
CA GLU B 357 1.47 5.69 2.54
C GLU B 357 0.14 5.97 3.23
N ALA B 358 0.12 5.98 4.55
CA ALA B 358 -1.11 6.30 5.28
C ALA B 358 -1.18 7.77 5.69
N GLN B 359 -0.34 8.62 5.09
CA GLN B 359 -0.39 10.08 5.26
C GLN B 359 -0.31 10.49 6.73
N ALA B 360 0.51 9.76 7.51
CA ALA B 360 0.73 10.04 8.94
C ALA B 360 -0.59 10.04 9.72
N LEU B 361 -1.52 9.17 9.32
CA LEU B 361 -2.74 8.94 10.08
C LEU B 361 -2.75 7.60 10.82
N TRP B 362 -1.92 6.65 10.40
CA TRP B 362 -1.82 5.32 11.01
C TRP B 362 -0.57 5.25 11.86
N LEU B 363 -0.69 4.74 13.08
CA LEU B 363 0.46 4.41 13.91
C LEU B 363 0.50 2.89 14.06
N ILE B 364 1.55 2.24 13.53
CA ILE B 364 1.73 0.79 13.72
C ILE B 364 2.59 0.56 14.94
N LEU B 365 2.15 -0.35 15.81
CA LEU B 365 2.89 -0.78 16.99
C LEU B 365 3.26 -2.24 16.83
N LYS B 366 4.57 -2.53 16.81
CA LYS B 366 5.10 -3.89 16.67
C LYS B 366 5.17 -4.51 18.07
N VAL B 367 4.30 -5.49 18.33
CA VAL B 367 4.13 -6.03 19.68
C VAL B 367 5.04 -7.24 19.88
N ASP B 368 5.79 -7.23 20.97
CA ASP B 368 6.57 -8.37 21.46
C ASP B 368 5.61 -9.48 21.91
N LEU B 369 5.50 -10.57 21.14
CA LEU B 369 4.49 -11.58 21.44
C LEU B 369 4.74 -12.25 22.80
N LYS B 370 6.00 -12.58 23.12
CA LYS B 370 6.31 -13.04 24.47
C LYS B 370 5.86 -12.06 25.54
N GLY B 371 6.19 -10.76 25.40
CA GLY B 371 5.75 -9.80 26.40
C GLY B 371 4.23 -9.71 26.46
N LEU B 372 3.56 -9.78 25.31
CA LEU B 372 2.10 -9.80 25.28
C LEU B 372 1.54 -11.00 26.03
N GLN B 373 2.09 -12.19 25.75
CA GLN B 373 1.58 -13.41 26.36
C GLN B 373 1.74 -13.38 27.88
N ALA B 374 2.81 -12.76 28.38
CA ALA B 374 3.00 -12.64 29.82
C ALA B 374 1.91 -11.81 30.49
N LEU B 375 1.22 -10.94 29.75
CA LEU B 375 0.11 -10.18 30.30
C LEU B 375 -1.13 -11.04 30.54
N LYS B 376 -1.21 -12.21 29.91
CA LYS B 376 -2.38 -13.09 29.98
C LYS B 376 -3.67 -12.28 29.80
N THR B 377 -3.76 -11.62 28.65
CA THR B 377 -4.86 -10.70 28.39
C THR B 377 -5.59 -11.14 27.12
N THR B 378 -6.57 -10.33 26.74
CA THR B 378 -7.39 -10.57 25.57
C THR B 378 -7.28 -9.38 24.63
N PRO B 379 -7.62 -9.54 23.35
CA PRO B 379 -7.58 -8.40 22.44
C PRO B 379 -8.44 -7.21 22.90
N GLU B 380 -9.64 -7.44 23.41
CA GLU B 380 -10.48 -6.32 23.81
C GLU B 380 -9.82 -5.51 24.93
N GLU B 381 -9.31 -6.21 25.96
CA GLU B 381 -8.63 -5.52 27.06
C GLU B 381 -7.38 -4.79 26.57
N PHE B 382 -6.61 -5.42 25.70
CA PHE B 382 -5.34 -4.83 25.28
C PHE B 382 -5.56 -3.63 24.38
N CYS B 383 -6.54 -3.68 23.49
CA CYS B 383 -6.86 -2.51 22.66
C CYS B 383 -7.33 -1.35 23.52
N LYS B 384 -8.15 -1.62 24.53
CA LYS B 384 -8.58 -0.56 25.43
C LYS B 384 -7.39 0.08 26.14
N LYS B 385 -6.53 -0.75 26.72
CA LYS B 385 -5.36 -0.28 27.45
C LYS B 385 -4.47 0.60 26.58
N VAL B 386 -4.19 0.13 25.35
CA VAL B 386 -3.34 0.87 24.41
C VAL B 386 -3.98 2.20 24.02
N GLY B 387 -5.24 2.17 23.58
CA GLY B 387 -5.86 3.40 23.15
C GLY B 387 -6.02 4.42 24.26
N ASP B 388 -6.37 3.96 25.46
CA ASP B 388 -6.48 4.89 26.60
C ASP B 388 -5.14 5.57 26.86
N ILE B 389 -4.05 4.81 26.81
CA ILE B 389 -2.72 5.38 27.02
C ILE B 389 -2.39 6.41 25.95
N TYR B 390 -2.65 6.08 24.68
CA TYR B 390 -2.17 6.97 23.62
C TYR B 390 -3.09 8.17 23.39
N PHE B 391 -4.40 7.99 23.49
CA PHE B 391 -5.25 9.11 23.09
C PHE B 391 -5.45 10.16 24.19
N ARG B 392 -4.94 9.95 25.40
CA ARG B 392 -4.95 11.03 26.39
C ARG B 392 -3.65 11.85 26.35
N THR B 393 -2.80 11.66 25.34
CA THR B 393 -1.54 12.38 25.28
C THR B 393 -1.48 13.23 24.01
N LYS B 394 -0.57 14.21 24.02
CA LYS B 394 -0.31 15.00 22.83
C LYS B 394 0.29 14.15 21.71
N VAL B 395 0.90 13.02 22.05
CA VAL B 395 1.49 12.16 21.04
C VAL B 395 0.41 11.58 20.15
N GLY B 396 -0.77 11.31 20.72
CA GLY B 396 -1.86 10.68 19.97
C GLY B 396 -2.67 11.60 19.08
N VAL B 397 -2.45 12.92 19.14
CA VAL B 397 -3.36 13.88 18.50
C VAL B 397 -3.53 13.60 17.00
N LEU B 398 -2.42 13.48 16.29
CA LEU B 398 -2.55 13.35 14.84
CA LEU B 398 -2.43 13.31 14.84
C LEU B 398 -2.95 11.94 14.42
N VAL B 399 -2.87 10.96 15.33
CA VAL B 399 -3.09 9.55 15.02
C VAL B 399 -4.59 9.26 15.07
N HIS B 400 -5.14 8.71 13.98
CA HIS B 400 -6.53 8.31 14.01
C HIS B 400 -6.75 6.81 14.00
N GLU B 401 -5.73 6.01 13.67
CA GLU B 401 -5.85 4.58 13.76
C GLU B 401 -4.54 4.00 14.28
N ILE B 402 -4.61 3.30 15.40
CA ILE B 402 -3.48 2.57 15.96
C ILE B 402 -3.67 1.11 15.61
N ILE B 403 -2.63 0.50 15.03
CA ILE B 403 -2.71 -0.86 14.50
C ILE B 403 -1.66 -1.70 15.22
N LEU B 404 -2.10 -2.79 15.83
CA LEU B 404 -1.26 -3.69 16.62
C LEU B 404 -0.92 -4.91 15.76
N VAL B 405 0.38 -5.18 15.57
CA VAL B 405 0.80 -6.35 14.80
C VAL B 405 1.84 -7.11 15.60
N ALA B 406 1.98 -8.40 15.27
CA ALA B 406 2.98 -9.26 15.90
C ALA B 406 4.39 -8.91 15.43
N ASP B 407 5.38 -9.48 16.12
CA ASP B 407 6.77 -9.12 15.88
C ASP B 407 7.39 -9.82 14.67
N ASP B 408 6.59 -10.52 13.85
CA ASP B 408 7.07 -11.03 12.57
C ASP B 408 6.91 -10.00 11.45
N ILE B 409 6.35 -8.83 11.74
CA ILE B 409 6.08 -7.81 10.73
C ILE B 409 7.14 -6.72 10.83
N ASP B 410 7.84 -6.46 9.72
CA ASP B 410 8.70 -5.29 9.59
C ASP B 410 7.83 -4.06 9.32
N ILE B 411 7.48 -3.35 10.39
CA ILE B 411 6.52 -2.26 10.26
C ILE B 411 7.06 -1.10 9.44
N PHE B 412 8.37 -1.06 9.20
CA PHE B 412 8.96 -0.02 8.38
C PHE B 412 8.87 -0.31 6.90
N ASN B 413 8.29 -1.46 6.53
CA ASN B 413 8.10 -1.85 5.13
C ASN B 413 6.60 -1.93 4.89
N PHE B 414 6.06 -1.01 4.08
CA PHE B 414 4.62 -0.98 3.94
C PHE B 414 4.09 -2.23 3.23
N LYS B 415 4.93 -2.97 2.50
CA LYS B 415 4.48 -4.22 1.91
C LYS B 415 4.04 -5.21 2.98
N GLU B 416 4.79 -5.30 4.07
CA GLU B 416 4.43 -6.18 5.18
C GLU B 416 3.27 -5.58 5.99
N VAL B 417 3.22 -4.26 6.12
CA VAL B 417 2.17 -3.63 6.91
C VAL B 417 0.80 -3.83 6.26
N ILE B 418 0.66 -3.55 4.96
CA ILE B 418 -0.66 -3.69 4.33
C ILE B 418 -1.07 -5.15 4.30
N TRP B 419 -0.11 -6.05 4.10
CA TRP B 419 -0.41 -7.48 4.18
C TRP B 419 -1.00 -7.85 5.54
N ALA B 420 -0.31 -7.48 6.62
CA ALA B 420 -0.80 -7.80 7.95
C ALA B 420 -2.13 -7.12 8.22
N TYR B 421 -2.28 -5.85 7.80
CA TYR B 421 -3.52 -5.12 8.05
C TYR B 421 -4.72 -5.84 7.45
N VAL B 422 -4.63 -6.19 6.16
CA VAL B 422 -5.83 -6.75 5.51
C VAL B 422 -6.08 -8.19 5.93
N THR B 423 -5.03 -8.97 6.23
CA THR B 423 -5.23 -10.39 6.50
C THR B 423 -5.42 -10.74 7.96
N ARG B 424 -5.11 -9.83 8.91
CA ARG B 424 -5.11 -10.23 10.31
C ARG B 424 -6.14 -9.51 11.19
N HIS B 425 -6.94 -8.61 10.65
CA HIS B 425 -8.03 -8.01 11.43
C HIS B 425 -9.35 -8.24 10.70
N THR B 426 -10.37 -8.56 11.47
CA THR B 426 -11.73 -8.68 10.96
C THR B 426 -12.34 -7.29 10.87
N PRO B 427 -12.74 -6.82 9.69
CA PRO B 427 -13.37 -5.48 9.57
C PRO B 427 -14.43 -5.25 10.63
N VAL B 428 -14.30 -4.12 11.32
CA VAL B 428 -15.21 -3.63 12.37
C VAL B 428 -15.05 -4.43 13.66
N ALA B 429 -15.18 -5.75 13.57
CA ALA B 429 -15.19 -6.57 14.79
C ALA B 429 -13.86 -6.48 15.54
N ASP B 430 -12.75 -6.37 14.82
CA ASP B 430 -11.45 -6.21 15.45
C ASP B 430 -11.02 -4.75 15.55
N GLN B 431 -11.96 -3.81 15.50
CA GLN B 431 -11.65 -2.39 15.66
C GLN B 431 -12.42 -1.85 16.84
N MET B 432 -11.71 -1.18 17.76
CA MET B 432 -12.30 -0.54 18.93
C MET B 432 -12.39 0.97 18.70
N ALA B 433 -13.60 1.49 18.58
CA ALA B 433 -13.76 2.93 18.40
C ALA B 433 -13.45 3.66 19.70
N PHE B 434 -12.86 4.84 19.58
CA PHE B 434 -12.70 5.76 20.71
C PHE B 434 -13.51 7.00 20.35
N ASP B 435 -14.69 7.11 20.96
CA ASP B 435 -15.68 8.11 20.57
C ASP B 435 -15.49 9.47 21.23
N ASP B 436 -14.73 9.55 22.32
CA ASP B 436 -14.68 10.76 23.12
C ASP B 436 -13.33 11.47 23.09
N VAL B 437 -12.32 10.90 22.45
CA VAL B 437 -10.99 11.47 22.50
C VAL B 437 -10.90 12.61 21.49
N PRO B 438 -9.95 13.55 21.64
CA PRO B 438 -9.87 14.68 20.70
C PRO B 438 -9.54 14.21 19.29
N SER B 439 -10.31 14.70 18.31
CA SER B 439 -10.03 14.41 16.91
C SER B 439 -8.93 15.34 16.40
N PHE B 440 -8.26 14.93 15.32
CA PHE B 440 -7.26 15.78 14.68
C PHE B 440 -7.95 16.72 13.71
N VAL B 441 -7.82 18.03 13.94
CA VAL B 441 -8.56 19.03 13.18
C VAL B 441 -8.30 18.92 11.69
N LEU B 442 -7.08 18.51 11.30
CA LEU B 442 -6.67 18.48 9.90
C LEU B 442 -7.10 17.22 9.16
N ALA B 443 -7.42 16.12 9.83
CA ALA B 443 -7.84 14.91 9.13
C ALA B 443 -9.01 15.22 8.18
N PRO B 444 -8.87 14.93 6.88
CA PRO B 444 -9.97 15.32 5.95
C PRO B 444 -11.31 14.71 6.30
N PHE B 445 -11.37 13.46 6.74
CA PHE B 445 -12.67 12.92 7.11
C PHE B 445 -13.25 13.59 8.35
N VAL B 446 -12.43 14.29 9.14
CA VAL B 446 -12.95 15.14 10.22
C VAL B 446 -13.39 16.48 9.68
N SER B 447 -12.46 17.19 9.03
CA SER B 447 -12.72 18.57 8.59
C SER B 447 -13.84 18.65 7.58
N GLN B 448 -14.06 17.60 6.79
CA GLN B 448 -15.15 17.58 5.80
C GLN B 448 -16.34 16.79 6.31
N SER B 449 -16.62 16.87 7.60
CA SER B 449 -17.77 16.19 8.19
C SER B 449 -18.31 17.03 9.33
N SER B 450 -19.44 16.61 9.89
CA SER B 450 -20.01 17.32 11.02
C SER B 450 -19.10 17.24 12.25
N ARG B 451 -18.17 16.26 12.29
CA ARG B 451 -17.27 16.14 13.42
C ARG B 451 -16.36 17.35 13.57
N SER B 452 -16.14 18.11 12.50
CA SER B 452 -15.34 19.32 12.59
C SER B 452 -15.89 20.29 13.63
N LYS B 453 -17.18 20.20 13.94
CA LYS B 453 -17.79 21.06 14.94
C LYS B 453 -17.66 20.49 16.34
N THR B 454 -17.67 19.17 16.48
CA THR B 454 -17.56 18.55 17.79
C THR B 454 -16.13 18.18 18.15
N MET B 455 -15.29 17.81 17.17
CA MET B 455 -13.88 17.50 17.41
C MET B 455 -13.64 16.46 18.50
N LYS B 456 -14.56 15.51 18.63
CA LYS B 456 -14.34 14.35 19.48
C LYS B 456 -14.53 13.08 18.65
N GLY B 457 -13.71 12.07 18.94
CA GLY B 457 -13.94 10.74 18.39
C GLY B 457 -13.41 10.52 17.00
N GLY B 458 -13.91 9.46 16.36
CA GLY B 458 -13.43 9.09 15.04
C GLY B 458 -12.06 8.45 15.02
N LYS B 459 -11.65 7.85 16.13
CA LYS B 459 -10.38 7.13 16.20
C LYS B 459 -10.65 5.68 16.55
N CYS B 460 -9.65 4.82 16.34
CA CYS B 460 -9.82 3.43 16.72
C CYS B 460 -8.47 2.75 16.94
N VAL B 461 -8.52 1.64 17.67
CA VAL B 461 -7.39 0.70 17.78
C VAL B 461 -7.79 -0.56 17.02
N THR B 462 -6.94 -0.98 16.10
CA THR B 462 -7.26 -2.12 15.24
C THR B 462 -6.32 -3.27 15.58
N ASN B 463 -6.91 -4.38 16.02
CA ASN B 463 -6.13 -5.54 16.44
C ASN B 463 -5.79 -6.40 15.23
N CYS B 464 -4.52 -6.39 14.82
CA CYS B 464 -4.03 -7.28 13.77
C CYS B 464 -3.15 -8.39 14.33
N ILE B 465 -3.38 -8.75 15.60
CA ILE B 465 -2.71 -9.88 16.23
C ILE B 465 -3.69 -11.03 16.31
N PHE B 466 -3.33 -12.18 15.72
CA PHE B 466 -4.22 -13.33 15.75
C PHE B 466 -4.57 -13.66 17.20
N ARG B 467 -5.82 -14.06 17.42
CA ARG B 467 -6.26 -14.32 18.79
C ARG B 467 -5.32 -15.27 19.52
N GLN B 468 -4.84 -16.32 18.84
CA GLN B 468 -3.96 -17.28 19.51
C GLN B 468 -2.59 -16.69 19.86
N GLN B 469 -2.15 -15.64 19.15
CA GLN B 469 -0.87 -15.02 19.48
C GLN B 469 -0.87 -14.35 20.85
N TYR B 470 -2.04 -14.10 21.43
CA TYR B 470 -2.11 -13.66 22.82
C TYR B 470 -1.77 -14.79 23.79
N GLU B 471 -1.80 -16.05 23.33
CA GLU B 471 -1.48 -17.21 24.15
C GLU B 471 -0.13 -17.83 23.82
N ARG B 472 0.14 -18.13 22.56
CA ARG B 472 1.40 -18.72 22.14
C ARG B 472 1.71 -18.28 20.72
N SER B 473 3.00 -18.21 20.41
CA SER B 473 3.46 -17.72 19.11
C SER B 473 3.44 -18.88 18.13
N PHE B 474 2.24 -19.19 17.64
CA PHE B 474 2.09 -20.35 16.78
C PHE B 474 2.79 -20.14 15.45
N ASP B 475 3.19 -21.24 14.85
CA ASP B 475 4.04 -21.21 13.66
C ASP B 475 3.18 -21.34 12.39
N TYR B 476 3.42 -20.43 11.45
CA TYR B 476 2.83 -20.46 10.13
C TYR B 476 3.91 -20.07 9.14
N ILE B 477 3.71 -20.43 7.87
CA ILE B 477 4.65 -20.08 6.80
C ILE B 477 4.16 -18.84 6.10
N THR B 478 5.04 -17.85 5.95
CA THR B 478 4.75 -16.64 5.16
C THR B 478 5.15 -16.93 3.72
N CYS B 479 4.19 -16.85 2.81
CA CYS B 479 4.37 -17.39 1.46
C CYS B 479 4.91 -16.32 0.49
N ASN B 480 6.15 -15.94 0.74
CA ASN B 480 6.91 -15.20 -0.27
C ASN B 480 8.28 -15.85 -0.48
N PHE B 481 9.13 -15.21 -1.27
CA PHE B 481 10.42 -15.82 -1.57
C PHE B 481 11.37 -15.80 -0.36
N GLU B 482 11.57 -14.62 0.24
CA GLU B 482 12.62 -14.48 1.25
C GLU B 482 12.26 -15.14 2.57
N LYS B 483 10.98 -15.17 2.94
CA LYS B 483 10.54 -15.75 4.20
C LYS B 483 10.00 -17.16 4.06
N GLY B 484 9.57 -17.56 2.86
CA GLY B 484 8.90 -18.84 2.72
C GLY B 484 9.81 -20.03 2.61
N TYR B 485 11.09 -19.83 2.33
CA TYR B 485 11.97 -20.95 2.01
C TYR B 485 13.22 -20.91 2.87
N PRO B 486 13.87 -22.07 3.07
CA PRO B 486 15.10 -22.10 3.87
C PRO B 486 16.16 -21.17 3.30
N LYS B 487 16.93 -20.57 4.21
CA LYS B 487 17.97 -19.62 3.81
C LYS B 487 18.91 -20.22 2.76
N GLY B 488 19.22 -21.51 2.88
CA GLY B 488 20.13 -22.12 1.92
C GLY B 488 19.55 -22.16 0.51
N LEU B 489 18.23 -22.39 0.41
CA LEU B 489 17.56 -22.38 -0.89
C LEU B 489 17.48 -20.98 -1.46
N VAL B 490 17.13 -20.00 -0.64
CA VAL B 490 17.09 -18.60 -1.08
C VAL B 490 18.44 -18.18 -1.65
N ASP B 491 19.52 -18.48 -0.91
CA ASP B 491 20.86 -18.14 -1.37
C ASP B 491 21.16 -18.80 -2.71
N LYS B 492 20.84 -20.09 -2.82
CA LYS B 492 21.15 -20.84 -4.04
C LYS B 492 20.41 -20.27 -5.24
N VAL B 493 19.12 -19.92 -5.05
CA VAL B 493 18.34 -19.34 -6.15
C VAL B 493 18.93 -18.00 -6.56
N ASN B 494 19.30 -17.17 -5.58
CA ASN B 494 19.90 -15.89 -5.91
C ASN B 494 21.25 -16.08 -6.60
N GLU B 495 22.06 -17.02 -6.11
CA GLU B 495 23.37 -17.27 -6.73
C GLU B 495 23.24 -17.74 -8.17
N ASN B 496 22.22 -18.55 -8.46
CA ASN B 496 22.06 -19.14 -9.78
C ASN B 496 21.11 -18.36 -10.69
N TRP B 497 20.58 -17.22 -10.23
CA TRP B 497 19.55 -16.50 -10.98
C TRP B 497 19.99 -16.22 -12.42
N LYS B 498 21.15 -15.59 -12.58
CA LYS B 498 21.60 -15.28 -13.93
C LYS B 498 21.92 -16.52 -14.73
N ARG B 499 22.46 -17.56 -14.08
CA ARG B 499 22.75 -18.79 -14.79
C ARG B 499 21.47 -19.45 -15.32
N TYR B 500 20.35 -19.31 -14.61
CA TYR B 500 19.07 -19.76 -15.15
C TYR B 500 18.75 -19.06 -16.47
N GLY B 501 19.07 -17.77 -16.57
CA GLY B 501 18.76 -17.02 -17.76
C GLY B 501 18.11 -15.69 -17.48
N TYR B 502 17.89 -15.37 -16.20
CA TYR B 502 17.36 -14.07 -15.82
C TYR B 502 18.46 -13.03 -15.84
N LYS B 503 18.06 -11.76 -15.96
CA LYS B 503 19.00 -10.63 -15.97
C LYS B 503 19.45 -10.21 -14.57
#